data_6L00
# 
_entry.id   6L00 
# 
_audit_conform.dict_name       mmcif_pdbx.dic 
_audit_conform.dict_version    5.380 
_audit_conform.dict_location   http://mmcif.pdb.org/dictionaries/ascii/mmcif_pdbx.dic 
# 
loop_
_database_2.database_id 
_database_2.database_code 
_database_2.pdbx_database_accession 
_database_2.pdbx_DOI 
PDB   6L00         pdb_00006l00 10.2210/pdb6l00/pdb 
WWPDB D_1300013949 ?            ?                   
# 
_pdbx_database_status.status_code                     REL 
_pdbx_database_status.status_code_sf                  REL 
_pdbx_database_status.status_code_mr                  ? 
_pdbx_database_status.entry_id                        6L00 
_pdbx_database_status.recvd_initial_deposition_date   2019-09-25 
_pdbx_database_status.SG_entry                        N 
_pdbx_database_status.deposit_site                    PDBJ 
_pdbx_database_status.process_site                    PDBJ 
_pdbx_database_status.status_code_cs                  ? 
_pdbx_database_status.methods_development_category    ? 
_pdbx_database_status.pdb_format_compatible           Y 
_pdbx_database_status.status_code_nmr_data            ? 
# 
loop_
_audit_author.name 
_audit_author.pdbx_ordinal 
_audit_author.identifier_ORCID 
'Ouyang, S.Y.' 1 ? 
'Zhen, X.K.'   2 ? 
# 
_citation.abstract                  ? 
_citation.abstract_id_CAS           ? 
_citation.book_id_ISBN              ? 
_citation.book_publisher            ? 
_citation.book_publisher_city       ? 
_citation.book_title                ? 
_citation.coordinate_linkage        ? 
_citation.country                   US 
_citation.database_id_Medline       ? 
_citation.details                   ? 
_citation.id                        primary 
_citation.journal_abbrev            'Plos Pathog.' 
_citation.journal_id_ASTM           ? 
_citation.journal_id_CSD            ? 
_citation.journal_id_ISSN           1553-7374 
_citation.journal_full              ? 
_citation.journal_issue             ? 
_citation.journal_volume            16 
_citation.language                  ? 
_citation.page_first                e1008394 
_citation.page_last                 e1008394 
_citation.title                     
'Structural and functional insights into a novel two-component endolysin encoded by a single gene in Enterococcus faecalis phage.' 
_citation.year                      2020 
_citation.database_id_CSD           ? 
_citation.pdbx_database_id_DOI      10.1371/journal.ppat.1008394 
_citation.pdbx_database_id_PubMed   32176738 
_citation.unpublished_flag          ? 
# 
loop_
_citation_author.citation_id 
_citation_author.name 
_citation_author.ordinal 
_citation_author.identifier_ORCID 
primary 'Zhou, B.'      1 ?                   
primary 'Zhen, X.'      2 ?                   
primary 'Zhou, H.'      3 ?                   
primary 'Zhao, F.'      4 ?                   
primary 'Fan, C.'       5 ?                   
primary 'Perculija, V.' 6 0000-0003-1075-188X 
primary 'Tong, Y.'      7 ?                   
primary 'Mi, Z.'        8 ?                   
primary 'Ouyang, S.'    9 0000-0002-1120-1524 
# 
_cell.angle_alpha                  90.000 
_cell.angle_alpha_esd              ? 
_cell.angle_beta                   90.000 
_cell.angle_beta_esd               ? 
_cell.angle_gamma                  90.000 
_cell.angle_gamma_esd              ? 
_cell.entry_id                     6L00 
_cell.details                      ? 
_cell.formula_units_Z              ? 
_cell.length_a                     59.880 
_cell.length_a_esd                 ? 
_cell.length_b                     59.880 
_cell.length_b_esd                 ? 
_cell.length_c                     87.010 
_cell.length_c_esd                 ? 
_cell.volume                       ? 
_cell.volume_esd                   ? 
_cell.Z_PDB                        16 
_cell.reciprocal_angle_alpha       ? 
_cell.reciprocal_angle_beta        ? 
_cell.reciprocal_angle_gamma       ? 
_cell.reciprocal_angle_alpha_esd   ? 
_cell.reciprocal_angle_beta_esd    ? 
_cell.reciprocal_angle_gamma_esd   ? 
_cell.reciprocal_length_a          ? 
_cell.reciprocal_length_b          ? 
_cell.reciprocal_length_c          ? 
_cell.reciprocal_length_a_esd      ? 
_cell.reciprocal_length_b_esd      ? 
_cell.reciprocal_length_c_esd      ? 
_cell.pdbx_unique_axis             ? 
# 
_symmetry.entry_id                         6L00 
_symmetry.cell_setting                     ? 
_symmetry.Int_Tables_number                97 
_symmetry.space_group_name_Hall            ? 
_symmetry.space_group_name_H-M             'I 4 2 2' 
_symmetry.pdbx_full_space_group_name_H-M   ? 
# 
loop_
_entity.id 
_entity.type 
_entity.src_method 
_entity.pdbx_description 
_entity.formula_weight 
_entity.pdbx_number_of_molecules 
_entity.pdbx_ec 
_entity.pdbx_mutation 
_entity.pdbx_fragment 
_entity.details 
1 polymer man Lysin 8166.395 1  ? ? ? ? 
2 water   nat water 18.015   53 ? ? ? ? 
# 
_entity_poly.entity_id                      1 
_entity_poly.type                           'polypeptide(L)' 
_entity_poly.nstd_linkage                   no 
_entity_poly.nstd_monomer                   no 
_entity_poly.pdbx_seq_one_letter_code       MFIYYKRTKQGSTEQWFVIGGKRIYLPTMTYVNEANDLIKRYGGNTNVTTYNHDNFGLKMMEAALPQVKV 
_entity_poly.pdbx_seq_one_letter_code_can   MFIYYKRTKQGSTEQWFVIGGKRIYLPTMTYVNEANDLIKRYGGNTNVTTYNHDNFGLKMMEAALPQVKV 
_entity_poly.pdbx_strand_id                 A 
_entity_poly.pdbx_target_identifier         ? 
# 
loop_
_entity_poly_seq.entity_id 
_entity_poly_seq.num 
_entity_poly_seq.mon_id 
_entity_poly_seq.hetero 
1 1  MET n 
1 2  PHE n 
1 3  ILE n 
1 4  TYR n 
1 5  TYR n 
1 6  LYS n 
1 7  ARG n 
1 8  THR n 
1 9  LYS n 
1 10 GLN n 
1 11 GLY n 
1 12 SER n 
1 13 THR n 
1 14 GLU n 
1 15 GLN n 
1 16 TRP n 
1 17 PHE n 
1 18 VAL n 
1 19 ILE n 
1 20 GLY n 
1 21 GLY n 
1 22 LYS n 
1 23 ARG n 
1 24 ILE n 
1 25 TYR n 
1 26 LEU n 
1 27 PRO n 
1 28 THR n 
1 29 MET n 
1 30 THR n 
1 31 TYR n 
1 32 VAL n 
1 33 ASN n 
1 34 GLU n 
1 35 ALA n 
1 36 ASN n 
1 37 ASP n 
1 38 LEU n 
1 39 ILE n 
1 40 LYS n 
1 41 ARG n 
1 42 TYR n 
1 43 GLY n 
1 44 GLY n 
1 45 ASN n 
1 46 THR n 
1 47 ASN n 
1 48 VAL n 
1 49 THR n 
1 50 THR n 
1 51 TYR n 
1 52 ASN n 
1 53 HIS n 
1 54 ASP n 
1 55 ASN n 
1 56 PHE n 
1 57 GLY n 
1 58 LEU n 
1 59 LYS n 
1 60 MET n 
1 61 MET n 
1 62 GLU n 
1 63 ALA n 
1 64 ALA n 
1 65 LEU n 
1 66 PRO n 
1 67 GLN n 
1 68 VAL n 
1 69 LYS n 
1 70 VAL n 
# 
_entity_src_gen.entity_id                          1 
_entity_src_gen.pdbx_src_id                        1 
_entity_src_gen.pdbx_alt_source_flag               sample 
_entity_src_gen.pdbx_seq_type                      'Biological sequence' 
_entity_src_gen.pdbx_beg_seq_num                   1 
_entity_src_gen.pdbx_end_seq_num                   70 
_entity_src_gen.gene_src_common_name               ? 
_entity_src_gen.gene_src_genus                     ? 
_entity_src_gen.pdbx_gene_src_gene                 ? 
_entity_src_gen.gene_src_species                   ? 
_entity_src_gen.gene_src_strain                    ? 
_entity_src_gen.gene_src_tissue                    ? 
_entity_src_gen.gene_src_tissue_fraction           ? 
_entity_src_gen.gene_src_details                   ? 
_entity_src_gen.pdbx_gene_src_fragment             ? 
_entity_src_gen.pdbx_gene_src_scientific_name      'Enterococcus phage IMEEF1' 
_entity_src_gen.pdbx_gene_src_ncbi_taxonomy_id     1351735 
_entity_src_gen.pdbx_gene_src_variant              ? 
_entity_src_gen.pdbx_gene_src_cell_line            ? 
_entity_src_gen.pdbx_gene_src_atcc                 ? 
_entity_src_gen.pdbx_gene_src_organ                ? 
_entity_src_gen.pdbx_gene_src_organelle            ? 
_entity_src_gen.pdbx_gene_src_cell                 ? 
_entity_src_gen.pdbx_gene_src_cellular_location    ? 
_entity_src_gen.host_org_common_name               ? 
_entity_src_gen.pdbx_host_org_scientific_name      'Escherichia coli BL21(DE3)' 
_entity_src_gen.pdbx_host_org_ncbi_taxonomy_id     469008 
_entity_src_gen.host_org_genus                     ? 
_entity_src_gen.pdbx_host_org_gene                 ? 
_entity_src_gen.pdbx_host_org_organ                ? 
_entity_src_gen.host_org_species                   ? 
_entity_src_gen.pdbx_host_org_tissue               ? 
_entity_src_gen.pdbx_host_org_tissue_fraction      ? 
_entity_src_gen.pdbx_host_org_strain               'BL21(DE3)' 
_entity_src_gen.pdbx_host_org_variant              ? 
_entity_src_gen.pdbx_host_org_cell_line            ? 
_entity_src_gen.pdbx_host_org_atcc                 ? 
_entity_src_gen.pdbx_host_org_culture_collection   ? 
_entity_src_gen.pdbx_host_org_cell                 ? 
_entity_src_gen.pdbx_host_org_organelle            ? 
_entity_src_gen.pdbx_host_org_cellular_location    ? 
_entity_src_gen.pdbx_host_org_vector_type          ? 
_entity_src_gen.pdbx_host_org_vector               ? 
_entity_src_gen.host_org_details                   ? 
_entity_src_gen.expression_system_id               ? 
_entity_src_gen.plasmid_name                       ? 
_entity_src_gen.plasmid_details                    ? 
_entity_src_gen.pdbx_description                   ? 
# 
_struct_ref.id                         1 
_struct_ref.db_name                    UNP 
_struct_ref.db_code                    S5MRN1_9CAUD 
_struct_ref.pdbx_db_accession          S5MRN1 
_struct_ref.pdbx_db_isoform            ? 
_struct_ref.entity_id                  1 
_struct_ref.pdbx_seq_one_letter_code   MFIYYKRTKQGSTEQWFVIGGKRIYLPTMTYVNEANDLIKRYGGNTNVTTYNHDNFGLKMMEAALPQVKV 
_struct_ref.pdbx_align_begin           168 
# 
_struct_ref_seq.align_id                      1 
_struct_ref_seq.ref_id                        1 
_struct_ref_seq.pdbx_PDB_id_code              6L00 
_struct_ref_seq.pdbx_strand_id                A 
_struct_ref_seq.seq_align_beg                 1 
_struct_ref_seq.pdbx_seq_align_beg_ins_code   ? 
_struct_ref_seq.seq_align_end                 70 
_struct_ref_seq.pdbx_seq_align_end_ins_code   ? 
_struct_ref_seq.pdbx_db_accession             S5MRN1 
_struct_ref_seq.db_align_beg                  168 
_struct_ref_seq.pdbx_db_align_beg_ins_code    ? 
_struct_ref_seq.db_align_end                  237 
_struct_ref_seq.pdbx_db_align_end_ins_code    ? 
_struct_ref_seq.pdbx_auth_seq_align_beg       168 
_struct_ref_seq.pdbx_auth_seq_align_end       237 
# 
loop_
_chem_comp.id 
_chem_comp.type 
_chem_comp.mon_nstd_flag 
_chem_comp.name 
_chem_comp.pdbx_synonyms 
_chem_comp.formula 
_chem_comp.formula_weight 
ALA 'L-peptide linking' y ALANINE         ? 'C3 H7 N O2'     89.093  
ARG 'L-peptide linking' y ARGININE        ? 'C6 H15 N4 O2 1' 175.209 
ASN 'L-peptide linking' y ASPARAGINE      ? 'C4 H8 N2 O3'    132.118 
ASP 'L-peptide linking' y 'ASPARTIC ACID' ? 'C4 H7 N O4'     133.103 
GLN 'L-peptide linking' y GLUTAMINE       ? 'C5 H10 N2 O3'   146.144 
GLU 'L-peptide linking' y 'GLUTAMIC ACID' ? 'C5 H9 N O4'     147.129 
GLY 'peptide linking'   y GLYCINE         ? 'C2 H5 N O2'     75.067  
HIS 'L-peptide linking' y HISTIDINE       ? 'C6 H10 N3 O2 1' 156.162 
HOH non-polymer         . WATER           ? 'H2 O'           18.015  
ILE 'L-peptide linking' y ISOLEUCINE      ? 'C6 H13 N O2'    131.173 
LEU 'L-peptide linking' y LEUCINE         ? 'C6 H13 N O2'    131.173 
LYS 'L-peptide linking' y LYSINE          ? 'C6 H15 N2 O2 1' 147.195 
MET 'L-peptide linking' y METHIONINE      ? 'C5 H11 N O2 S'  149.211 
PHE 'L-peptide linking' y PHENYLALANINE   ? 'C9 H11 N O2'    165.189 
PRO 'L-peptide linking' y PROLINE         ? 'C5 H9 N O2'     115.130 
SER 'L-peptide linking' y SERINE          ? 'C3 H7 N O3'     105.093 
THR 'L-peptide linking' y THREONINE       ? 'C4 H9 N O3'     119.119 
TRP 'L-peptide linking' y TRYPTOPHAN      ? 'C11 H12 N2 O2'  204.225 
TYR 'L-peptide linking' y TYROSINE        ? 'C9 H11 N O3'    181.189 
VAL 'L-peptide linking' y VALINE          ? 'C5 H11 N O2'    117.146 
# 
_exptl.absorpt_coefficient_mu     ? 
_exptl.absorpt_correction_T_max   ? 
_exptl.absorpt_correction_T_min   ? 
_exptl.absorpt_correction_type    ? 
_exptl.absorpt_process_details    ? 
_exptl.entry_id                   6L00 
_exptl.crystals_number            1 
_exptl.details                    ? 
_exptl.method                     'X-RAY DIFFRACTION' 
_exptl.method_details             ? 
# 
_exptl_crystal.colour                      ? 
_exptl_crystal.density_diffrn              ? 
_exptl_crystal.density_Matthews            2.39 
_exptl_crystal.density_method              ? 
_exptl_crystal.density_percent_sol         48.49 
_exptl_crystal.description                 ? 
_exptl_crystal.F_000                       ? 
_exptl_crystal.id                          1 
_exptl_crystal.preparation                 ? 
_exptl_crystal.size_max                    ? 
_exptl_crystal.size_mid                    ? 
_exptl_crystal.size_min                    ? 
_exptl_crystal.size_rad                    ? 
_exptl_crystal.colour_lustre               ? 
_exptl_crystal.colour_modifier             ? 
_exptl_crystal.colour_primary              ? 
_exptl_crystal.density_meas                ? 
_exptl_crystal.density_meas_esd            ? 
_exptl_crystal.density_meas_gt             ? 
_exptl_crystal.density_meas_lt             ? 
_exptl_crystal.density_meas_temp           ? 
_exptl_crystal.density_meas_temp_esd       ? 
_exptl_crystal.density_meas_temp_gt        ? 
_exptl_crystal.density_meas_temp_lt        ? 
_exptl_crystal.pdbx_crystal_image_url      ? 
_exptl_crystal.pdbx_crystal_image_format   ? 
_exptl_crystal.pdbx_mosaicity              ? 
_exptl_crystal.pdbx_mosaicity_esd          ? 
# 
_exptl_crystal_grow.apparatus       ? 
_exptl_crystal_grow.atmosphere      ? 
_exptl_crystal_grow.crystal_id      1 
_exptl_crystal_grow.details         ? 
_exptl_crystal_grow.method          'VAPOR DIFFUSION' 
_exptl_crystal_grow.method_ref      ? 
_exptl_crystal_grow.pH              7.0 
_exptl_crystal_grow.pressure        ? 
_exptl_crystal_grow.pressure_esd    ? 
_exptl_crystal_grow.seeding         ? 
_exptl_crystal_grow.seeding_ref     ? 
_exptl_crystal_grow.temp            289 
_exptl_crystal_grow.temp_details    ? 
_exptl_crystal_grow.temp_esd        ? 
_exptl_crystal_grow.time            ? 
_exptl_crystal_grow.pdbx_details    '20% PEG 4000, 0.2 M NaCl' 
_exptl_crystal_grow.pdbx_pH_range   ? 
# 
_diffrn.ambient_environment              ? 
_diffrn.ambient_temp                     100 
_diffrn.ambient_temp_details             ? 
_diffrn.ambient_temp_esd                 ? 
_diffrn.crystal_id                       1 
_diffrn.crystal_support                  ? 
_diffrn.crystal_treatment                ? 
_diffrn.details                          ? 
_diffrn.id                               1 
_diffrn.ambient_pressure                 ? 
_diffrn.ambient_pressure_esd             ? 
_diffrn.ambient_pressure_gt              ? 
_diffrn.ambient_pressure_lt              ? 
_diffrn.ambient_temp_gt                  ? 
_diffrn.ambient_temp_lt                  ? 
_diffrn.pdbx_serial_crystal_experiment   Y 
# 
_diffrn_detector.details                      ? 
_diffrn_detector.detector                     CCD 
_diffrn_detector.diffrn_id                    1 
_diffrn_detector.type                         'ADSC QUANTUM 315r' 
_diffrn_detector.area_resol_mean              ? 
_diffrn_detector.dtime                        ? 
_diffrn_detector.pdbx_frames_total            ? 
_diffrn_detector.pdbx_collection_time_total   ? 
_diffrn_detector.pdbx_collection_date         2018-04-20 
_diffrn_detector.pdbx_frequency               ? 
# 
_diffrn_radiation.collimation                      ? 
_diffrn_radiation.diffrn_id                        1 
_diffrn_radiation.filter_edge                      ? 
_diffrn_radiation.inhomogeneity                    ? 
_diffrn_radiation.monochromator                    'SSRF BEAMLINE BL17U1' 
_diffrn_radiation.polarisn_norm                    ? 
_diffrn_radiation.polarisn_ratio                   ? 
_diffrn_radiation.probe                            ? 
_diffrn_radiation.type                             ? 
_diffrn_radiation.xray_symbol                      ? 
_diffrn_radiation.wavelength_id                    1 
_diffrn_radiation.pdbx_monochromatic_or_laue_m_l   M 
_diffrn_radiation.pdbx_wavelength_list             ? 
_diffrn_radiation.pdbx_wavelength                  ? 
_diffrn_radiation.pdbx_diffrn_protocol             'SINGLE WAVELENGTH' 
_diffrn_radiation.pdbx_analyzer                    ? 
_diffrn_radiation.pdbx_scattering_type             x-ray 
# 
_diffrn_radiation_wavelength.id           1 
_diffrn_radiation_wavelength.wavelength   0.97915 
_diffrn_radiation_wavelength.wt           1.0 
# 
_diffrn_source.current                     ? 
_diffrn_source.details                     ? 
_diffrn_source.diffrn_id                   1 
_diffrn_source.power                       ? 
_diffrn_source.size                        ? 
_diffrn_source.source                      SYNCHROTRON 
_diffrn_source.target                      ? 
_diffrn_source.type                        'SSRF BEAMLINE BL17U1' 
_diffrn_source.voltage                     ? 
_diffrn_source.take-off_angle              ? 
_diffrn_source.pdbx_wavelength_list        0.97915 
_diffrn_source.pdbx_wavelength             ? 
_diffrn_source.pdbx_synchrotron_beamline   BL17U1 
_diffrn_source.pdbx_synchrotron_site       SSRF 
# 
_reflns.B_iso_Wilson_estimate            ? 
_reflns.entry_id                         6L00 
_reflns.data_reduction_details           ? 
_reflns.data_reduction_method            ? 
_reflns.d_resolution_high                1.75 
_reflns.d_resolution_low                 49.33 
_reflns.details                          ? 
_reflns.limit_h_max                      ? 
_reflns.limit_h_min                      ? 
_reflns.limit_k_max                      ? 
_reflns.limit_k_min                      ? 
_reflns.limit_l_max                      ? 
_reflns.limit_l_min                      ? 
_reflns.number_all                       ? 
_reflns.number_obs                       8236 
_reflns.observed_criterion               ? 
_reflns.observed_criterion_F_max         ? 
_reflns.observed_criterion_F_min         ? 
_reflns.observed_criterion_I_max         ? 
_reflns.observed_criterion_I_min         ? 
_reflns.observed_criterion_sigma_F       ? 
_reflns.observed_criterion_sigma_I       ? 
_reflns.percent_possible_obs             99 
_reflns.R_free_details                   ? 
_reflns.Rmerge_F_all                     ? 
_reflns.Rmerge_F_obs                     ? 
_reflns.Friedel_coverage                 ? 
_reflns.number_gt                        ? 
_reflns.threshold_expression             ? 
_reflns.pdbx_redundancy                  9.4 
_reflns.pdbx_Rmerge_I_obs                0.089 
_reflns.pdbx_Rmerge_I_all                ? 
_reflns.pdbx_Rsym_value                  0.091 
_reflns.pdbx_netI_over_av_sigmaI         ? 
_reflns.pdbx_netI_over_sigmaI            2.30 
_reflns.pdbx_res_netI_over_av_sigmaI_2   ? 
_reflns.pdbx_res_netI_over_sigmaI_2      ? 
_reflns.pdbx_chi_squared                 ? 
_reflns.pdbx_scaling_rejects             ? 
_reflns.pdbx_d_res_high_opt              ? 
_reflns.pdbx_d_res_low_opt               ? 
_reflns.pdbx_d_res_opt_method            ? 
_reflns.phase_calculation_details        ? 
_reflns.pdbx_Rrim_I_all                  ? 
_reflns.pdbx_Rpim_I_all                  ? 
_reflns.pdbx_d_opt                       ? 
_reflns.pdbx_number_measured_all         ? 
_reflns.pdbx_diffrn_id                   1 
_reflns.pdbx_ordinal                     1 
_reflns.pdbx_CC_half                     0.999 
_reflns.pdbx_R_split                     ? 
# 
_reflns_shell.d_res_high                  1.75 
_reflns_shell.d_res_low                   1.813 
_reflns_shell.meanI_over_sigI_all         ? 
_reflns_shell.meanI_over_sigI_obs         ? 
_reflns_shell.number_measured_all         ? 
_reflns_shell.number_measured_obs         ? 
_reflns_shell.number_possible             ? 
_reflns_shell.number_unique_all           ? 
_reflns_shell.number_unique_obs           552 
_reflns_shell.percent_possible_all        ? 
_reflns_shell.percent_possible_obs        ? 
_reflns_shell.Rmerge_F_all                ? 
_reflns_shell.Rmerge_F_obs                ? 
_reflns_shell.Rmerge_I_all                ? 
_reflns_shell.Rmerge_I_obs                ? 
_reflns_shell.meanI_over_sigI_gt          ? 
_reflns_shell.meanI_over_uI_all           ? 
_reflns_shell.meanI_over_uI_gt            ? 
_reflns_shell.number_measured_gt          ? 
_reflns_shell.number_unique_gt            ? 
_reflns_shell.percent_possible_gt         ? 
_reflns_shell.Rmerge_F_gt                 ? 
_reflns_shell.Rmerge_I_gt                 ? 
_reflns_shell.pdbx_redundancy             ? 
_reflns_shell.pdbx_Rsym_value             ? 
_reflns_shell.pdbx_chi_squared            ? 
_reflns_shell.pdbx_netI_over_sigmaI_all   ? 
_reflns_shell.pdbx_netI_over_sigmaI_obs   ? 
_reflns_shell.pdbx_Rrim_I_all             ? 
_reflns_shell.pdbx_Rpim_I_all             ? 
_reflns_shell.pdbx_rejects                ? 
_reflns_shell.pdbx_ordinal                1 
_reflns_shell.pdbx_diffrn_id              1 
_reflns_shell.pdbx_CC_half                0.696 
_reflns_shell.pdbx_R_split                ? 
# 
_refine.aniso_B[1][1]                            ? 
_refine.aniso_B[1][2]                            ? 
_refine.aniso_B[1][3]                            ? 
_refine.aniso_B[2][2]                            ? 
_refine.aniso_B[2][3]                            ? 
_refine.aniso_B[3][3]                            ? 
_refine.B_iso_max                                57.430 
_refine.B_iso_mean                               27.2266 
_refine.B_iso_min                                15.950 
_refine.correlation_coeff_Fo_to_Fc               ? 
_refine.correlation_coeff_Fo_to_Fc_free          ? 
_refine.details                                  ? 
_refine.diff_density_max                         ? 
_refine.diff_density_max_esd                     ? 
_refine.diff_density_min                         ? 
_refine.diff_density_min_esd                     ? 
_refine.diff_density_rms                         ? 
_refine.diff_density_rms_esd                     ? 
_refine.entry_id                                 6L00 
_refine.pdbx_refine_id                           'X-RAY DIFFRACTION' 
_refine.ls_abs_structure_details                 ? 
_refine.ls_abs_structure_Flack                   ? 
_refine.ls_abs_structure_Flack_esd               ? 
_refine.ls_abs_structure_Rogers                  ? 
_refine.ls_abs_structure_Rogers_esd              ? 
_refine.ls_d_res_high                            1.7500 
_refine.ls_d_res_low                             42.3420 
_refine.ls_extinction_coef                       ? 
_refine.ls_extinction_coef_esd                   ? 
_refine.ls_extinction_expression                 ? 
_refine.ls_extinction_method                     ? 
_refine.ls_goodness_of_fit_all                   ? 
_refine.ls_goodness_of_fit_all_esd               ? 
_refine.ls_goodness_of_fit_obs                   ? 
_refine.ls_goodness_of_fit_obs_esd               ? 
_refine.ls_hydrogen_treatment                    ? 
_refine.ls_matrix_type                           ? 
_refine.ls_number_constraints                    ? 
_refine.ls_number_parameters                     ? 
_refine.ls_number_reflns_all                     ? 
_refine.ls_number_reflns_obs                     8231 
_refine.ls_number_reflns_R_free                  814 
_refine.ls_number_reflns_R_work                  ? 
_refine.ls_number_restraints                     ? 
_refine.ls_percent_reflns_obs                    98.8400 
_refine.ls_percent_reflns_R_free                 9.8900 
_refine.ls_R_factor_all                          ? 
_refine.ls_R_factor_obs                          0.2251 
_refine.ls_R_factor_R_free                       0.2438 
_refine.ls_R_factor_R_free_error                 ? 
_refine.ls_R_factor_R_free_error_details         ? 
_refine.ls_R_factor_R_work                       0.2231 
_refine.ls_R_Fsqd_factor_obs                     ? 
_refine.ls_R_I_factor_obs                        ? 
_refine.ls_redundancy_reflns_all                 ? 
_refine.ls_redundancy_reflns_obs                 ? 
_refine.ls_restrained_S_all                      ? 
_refine.ls_restrained_S_obs                      ? 
_refine.ls_shift_over_esd_max                    ? 
_refine.ls_shift_over_esd_mean                   ? 
_refine.ls_structure_factor_coef                 ? 
_refine.ls_weighting_details                     ? 
_refine.ls_weighting_scheme                      ? 
_refine.ls_wR_factor_all                         ? 
_refine.ls_wR_factor_obs                         ? 
_refine.ls_wR_factor_R_free                      ? 
_refine.ls_wR_factor_R_work                      ? 
_refine.occupancy_max                            ? 
_refine.occupancy_min                            ? 
_refine.solvent_model_details                    ? 
_refine.solvent_model_param_bsol                 ? 
_refine.solvent_model_param_ksol                 ? 
_refine.ls_R_factor_gt                           ? 
_refine.ls_goodness_of_fit_gt                    ? 
_refine.ls_goodness_of_fit_ref                   ? 
_refine.ls_shift_over_su_max                     ? 
_refine.ls_shift_over_su_max_lt                  ? 
_refine.ls_shift_over_su_mean                    ? 
_refine.ls_shift_over_su_mean_lt                 ? 
_refine.pdbx_ls_sigma_I                          ? 
_refine.pdbx_ls_sigma_F                          1.370 
_refine.pdbx_ls_sigma_Fsqd                       ? 
_refine.pdbx_data_cutoff_high_absF               ? 
_refine.pdbx_data_cutoff_high_rms_absF           ? 
_refine.pdbx_data_cutoff_low_absF                ? 
_refine.pdbx_isotropic_thermal_model             ? 
_refine.pdbx_ls_cross_valid_method               THROUGHOUT 
_refine.pdbx_method_to_determine_struct          'MOLECULAR REPLACEMENT' 
_refine.pdbx_starting_model                      6IST 
_refine.pdbx_stereochemistry_target_values       ? 
_refine.pdbx_R_Free_selection_details            ? 
_refine.pdbx_stereochem_target_val_spec_case     ? 
_refine.pdbx_overall_ESU_R                       ? 
_refine.pdbx_overall_ESU_R_Free                  ? 
_refine.pdbx_solvent_vdw_probe_radii             1.1100 
_refine.pdbx_solvent_ion_probe_radii             ? 
_refine.pdbx_solvent_shrinkage_radii             0.9000 
_refine.pdbx_real_space_R                        ? 
_refine.pdbx_density_correlation                 ? 
_refine.pdbx_pd_number_of_powder_patterns        ? 
_refine.pdbx_pd_number_of_points                 ? 
_refine.pdbx_pd_meas_number_of_points            ? 
_refine.pdbx_pd_proc_ls_prof_R_factor            ? 
_refine.pdbx_pd_proc_ls_prof_wR_factor           ? 
_refine.pdbx_pd_Marquardt_correlation_coeff      ? 
_refine.pdbx_pd_Fsqrd_R_factor                   ? 
_refine.pdbx_pd_ls_matrix_band_width             ? 
_refine.pdbx_overall_phase_error                 27.7500 
_refine.pdbx_overall_SU_R_free_Cruickshank_DPI   ? 
_refine.pdbx_overall_SU_R_free_Blow_DPI          ? 
_refine.pdbx_overall_SU_R_Blow_DPI               ? 
_refine.pdbx_TLS_residual_ADP_flag               ? 
_refine.pdbx_diffrn_id                           1 
_refine.overall_SU_B                             ? 
_refine.overall_SU_ML                            0.2500 
_refine.overall_SU_R_Cruickshank_DPI             ? 
_refine.overall_SU_R_free                        ? 
_refine.overall_FOM_free_R_set                   ? 
_refine.overall_FOM_work_R_set                   ? 
_refine.pdbx_average_fsc_overall                 ? 
_refine.pdbx_average_fsc_work                    ? 
_refine.pdbx_average_fsc_free                    ? 
# 
_refine_hist.pdbx_refine_id                   'X-RAY DIFFRACTION' 
_refine_hist.cycle_id                         final 
_refine_hist.details                          ? 
_refine_hist.d_res_high                       1.7500 
_refine_hist.d_res_low                        42.3420 
_refine_hist.number_atoms_solvent             53 
_refine_hist.number_atoms_total               619 
_refine_hist.number_reflns_all                ? 
_refine_hist.number_reflns_obs                ? 
_refine_hist.number_reflns_R_free             ? 
_refine_hist.number_reflns_R_work             ? 
_refine_hist.R_factor_all                     ? 
_refine_hist.R_factor_obs                     ? 
_refine_hist.R_factor_R_free                  ? 
_refine_hist.R_factor_R_work                  ? 
_refine_hist.pdbx_number_residues_total       70 
_refine_hist.pdbx_B_iso_mean_ligand           ? 
_refine_hist.pdbx_B_iso_mean_solvent          34.05 
_refine_hist.pdbx_number_atoms_protein        566 
_refine_hist.pdbx_number_atoms_nucleic_acid   0 
_refine_hist.pdbx_number_atoms_ligand         0 
_refine_hist.pdbx_number_atoms_lipid          ? 
_refine_hist.pdbx_number_atoms_carb           ? 
_refine_hist.pdbx_pseudo_atom_details         ? 
# 
_struct.entry_id                     6L00 
_struct.title                        'Crystal structure of the cell-wall binding domain (CBD) of endolysin LysIME-EF1' 
_struct.pdbx_model_details           ? 
_struct.pdbx_formula_weight          ? 
_struct.pdbx_formula_weight_method   ? 
_struct.pdbx_model_type_details      ? 
_struct.pdbx_CASP_flag               N 
# 
_struct_keywords.entry_id        6L00 
_struct_keywords.text            lyase 
_struct_keywords.pdbx_keywords   LYASE 
# 
loop_
_struct_asym.id 
_struct_asym.pdbx_blank_PDB_chainid_flag 
_struct_asym.pdbx_modified 
_struct_asym.entity_id 
_struct_asym.details 
A N N 1 ? 
B N N 2 ? 
# 
loop_
_struct_conf.conf_type_id 
_struct_conf.id 
_struct_conf.pdbx_PDB_helix_id 
_struct_conf.beg_label_comp_id 
_struct_conf.beg_label_asym_id 
_struct_conf.beg_label_seq_id 
_struct_conf.pdbx_beg_PDB_ins_code 
_struct_conf.end_label_comp_id 
_struct_conf.end_label_asym_id 
_struct_conf.end_label_seq_id 
_struct_conf.pdbx_end_PDB_ins_code 
_struct_conf.beg_auth_comp_id 
_struct_conf.beg_auth_asym_id 
_struct_conf.beg_auth_seq_id 
_struct_conf.end_auth_comp_id 
_struct_conf.end_auth_asym_id 
_struct_conf.end_auth_seq_id 
_struct_conf.pdbx_PDB_helix_class 
_struct_conf.details 
_struct_conf.pdbx_PDB_helix_length 
HELX_P HELX_P1 AA1 THR A 28 ? TYR A 42 ? THR A 195 TYR A 209 1 ? 15 
HELX_P HELX_P2 AA2 ASN A 55 ? LEU A 65 ? ASN A 222 LEU A 232 1 ? 11 
# 
_struct_conf_type.id          HELX_P 
_struct_conf_type.criteria    ? 
_struct_conf_type.reference   ? 
# 
_struct_sheet.id               AA1 
_struct_sheet.type             ? 
_struct_sheet.number_strands   4 
_struct_sheet.details          ? 
# 
loop_
_struct_sheet_order.sheet_id 
_struct_sheet_order.range_id_1 
_struct_sheet_order.range_id_2 
_struct_sheet_order.offset 
_struct_sheet_order.sense 
AA1 1 2 ? anti-parallel 
AA1 2 3 ? anti-parallel 
AA1 3 4 ? parallel      
# 
loop_
_struct_sheet_range.sheet_id 
_struct_sheet_range.id 
_struct_sheet_range.beg_label_comp_id 
_struct_sheet_range.beg_label_asym_id 
_struct_sheet_range.beg_label_seq_id 
_struct_sheet_range.pdbx_beg_PDB_ins_code 
_struct_sheet_range.end_label_comp_id 
_struct_sheet_range.end_label_asym_id 
_struct_sheet_range.end_label_seq_id 
_struct_sheet_range.pdbx_end_PDB_ins_code 
_struct_sheet_range.beg_auth_comp_id 
_struct_sheet_range.beg_auth_asym_id 
_struct_sheet_range.beg_auth_seq_id 
_struct_sheet_range.end_auth_comp_id 
_struct_sheet_range.end_auth_asym_id 
_struct_sheet_range.end_auth_seq_id 
AA1 1 LYS A 22 ? TYR A 25 ? LYS A 189 TYR A 192 
AA1 2 THR A 13 ? ILE A 19 ? THR A 180 ILE A 186 
AA1 3 PHE A 2  ? ARG A 7  ? PHE A 169 ARG A 174 
AA1 4 THR A 50 ? ASN A 52 ? THR A 217 ASN A 219 
# 
loop_
_pdbx_struct_sheet_hbond.sheet_id 
_pdbx_struct_sheet_hbond.range_id_1 
_pdbx_struct_sheet_hbond.range_id_2 
_pdbx_struct_sheet_hbond.range_1_label_atom_id 
_pdbx_struct_sheet_hbond.range_1_label_comp_id 
_pdbx_struct_sheet_hbond.range_1_label_asym_id 
_pdbx_struct_sheet_hbond.range_1_label_seq_id 
_pdbx_struct_sheet_hbond.range_1_PDB_ins_code 
_pdbx_struct_sheet_hbond.range_1_auth_atom_id 
_pdbx_struct_sheet_hbond.range_1_auth_comp_id 
_pdbx_struct_sheet_hbond.range_1_auth_asym_id 
_pdbx_struct_sheet_hbond.range_1_auth_seq_id 
_pdbx_struct_sheet_hbond.range_2_label_atom_id 
_pdbx_struct_sheet_hbond.range_2_label_comp_id 
_pdbx_struct_sheet_hbond.range_2_label_asym_id 
_pdbx_struct_sheet_hbond.range_2_label_seq_id 
_pdbx_struct_sheet_hbond.range_2_PDB_ins_code 
_pdbx_struct_sheet_hbond.range_2_auth_atom_id 
_pdbx_struct_sheet_hbond.range_2_auth_comp_id 
_pdbx_struct_sheet_hbond.range_2_auth_asym_id 
_pdbx_struct_sheet_hbond.range_2_auth_seq_id 
AA1 1 2 O ILE A 24 ? O ILE A 191 N PHE A 17 ? N PHE A 184 
AA1 2 3 O VAL A 18 ? O VAL A 185 N PHE A 2  ? N PHE A 169 
AA1 3 4 N ARG A 7  ? N ARG A 174 O TYR A 51 ? O TYR A 218 
# 
_atom_sites.entry_id                    6L00 
_atom_sites.Cartn_transf_matrix[1][1]   ? 
_atom_sites.Cartn_transf_matrix[1][2]   ? 
_atom_sites.Cartn_transf_matrix[1][3]   ? 
_atom_sites.Cartn_transf_matrix[2][1]   ? 
_atom_sites.Cartn_transf_matrix[2][2]   ? 
_atom_sites.Cartn_transf_matrix[2][3]   ? 
_atom_sites.Cartn_transf_matrix[3][1]   ? 
_atom_sites.Cartn_transf_matrix[3][2]   ? 
_atom_sites.Cartn_transf_matrix[3][3]   ? 
_atom_sites.Cartn_transf_vector[1]      ? 
_atom_sites.Cartn_transf_vector[2]      ? 
_atom_sites.Cartn_transf_vector[3]      ? 
_atom_sites.fract_transf_matrix[1][1]   -0.00757000 
_atom_sites.fract_transf_matrix[1][2]   -0.00762248 
_atom_sites.fract_transf_matrix[1][3]   0.01278604 
_atom_sites.fract_transf_matrix[2][1]   -0.01144937 
_atom_sites.fract_transf_matrix[2][2]   0.01214853 
_atom_sites.fract_transf_matrix[2][3]   0.00046380 
_atom_sites.fract_transf_matrix[3][1]   -0.00654687 
_atom_sites.fract_transf_matrix[3][2]   -0.00588810 
_atom_sites.fract_transf_matrix[3][3]   -0.00738632 
_atom_sites.fract_transf_vector[1]      -0.124240 
_atom_sites.fract_transf_vector[2]      0.236198 
_atom_sites.fract_transf_vector[3]      -0.150038 
_atom_sites.solution_primary            ? 
_atom_sites.solution_secondary          ? 
_atom_sites.solution_hydrogens          ? 
_atom_sites.special_details             ? 
# 
loop_
_atom_type.symbol 
C 
N 
O 
S 
# 
loop_
_atom_site.group_PDB 
_atom_site.id 
_atom_site.type_symbol 
_atom_site.label_atom_id 
_atom_site.label_alt_id 
_atom_site.label_comp_id 
_atom_site.label_asym_id 
_atom_site.label_entity_id 
_atom_site.label_seq_id 
_atom_site.pdbx_PDB_ins_code 
_atom_site.Cartn_x 
_atom_site.Cartn_y 
_atom_site.Cartn_z 
_atom_site.occupancy 
_atom_site.B_iso_or_equiv 
_atom_site.pdbx_formal_charge 
_atom_site.auth_seq_id 
_atom_site.auth_comp_id 
_atom_site.auth_asym_id 
_atom_site.auth_atom_id 
_atom_site.pdbx_PDB_model_num 
ATOM   1   N N   . MET A 1 1  ? 4.694   -5.165  7.447   1.00 29.62 ? 168 MET A N   1 
ATOM   2   C CA  . MET A 1 1  ? 3.558   -4.389  6.958   1.00 28.30 ? 168 MET A CA  1 
ATOM   3   C C   . MET A 1 1  ? 3.958   -2.939  6.770   1.00 24.16 ? 168 MET A C   1 
ATOM   4   O O   . MET A 1 1  ? 4.754   -2.410  7.545   1.00 25.72 ? 168 MET A O   1 
ATOM   5   C CB  . MET A 1 1  ? 2.386   -4.456  7.926   1.00 25.95 ? 168 MET A CB  1 
ATOM   6   C CG  . MET A 1 1  ? 2.802   -4.221  9.354   1.00 31.25 ? 168 MET A CG  1 
ATOM   7   S SD  . MET A 1 1  ? 1.480   -4.481  10.539  1.00 57.43 ? 168 MET A SD  1 
ATOM   8   C CE  . MET A 1 1  ? 0.489   -5.679  9.697   1.00 39.61 ? 168 MET A CE  1 
ATOM   9   N N   . PHE A 1 2  ? 3.427   -2.306  5.732   1.00 22.40 ? 169 PHE A N   1 
ATOM   10  C CA  . PHE A 1 2  ? 3.675   -0.889  5.521   1.00 21.52 ? 169 PHE A CA  1 
ATOM   11  C C   . PHE A 1 2  ? 2.655   -0.398  4.508   1.00 23.16 ? 169 PHE A C   1 
ATOM   12  O O   . PHE A 1 2  ? 1.968   -1.194  3.860   1.00 22.73 ? 169 PHE A O   1 
ATOM   13  C CB  . PHE A 1 2  ? 5.116   -0.629  5.057   1.00 20.90 ? 169 PHE A CB  1 
ATOM   14  C CG  . PHE A 1 2  ? 5.517   -1.402  3.834   1.00 23.15 ? 169 PHE A CG  1 
ATOM   15  C CD1 . PHE A 1 2  ? 5.295   -0.884  2.561   1.00 20.86 ? 169 PHE A CD1 1 
ATOM   16  C CD2 . PHE A 1 2  ? 6.140   -2.640  3.951   1.00 24.17 ? 169 PHE A CD2 1 
ATOM   17  C CE1 . PHE A 1 2  ? 5.675   -1.602  1.425   1.00 23.11 ? 169 PHE A CE1 1 
ATOM   18  C CE2 . PHE A 1 2  ? 6.523   -3.354  2.824   1.00 23.57 ? 169 PHE A CE2 1 
ATOM   19  C CZ  . PHE A 1 2  ? 6.287   -2.836  1.563   1.00 24.63 ? 169 PHE A CZ  1 
ATOM   20  N N   . ILE A 1 3  ? 2.534   0.922   4.411   1.00 19.69 ? 170 ILE A N   1 
ATOM   21  C CA  . ILE A 1 3  ? 1.692   1.572   3.415   1.00 19.16 ? 170 ILE A CA  1 
ATOM   22  C C   . ILE A 1 3  ? 2.600   2.188   2.362   1.00 21.04 ? 170 ILE A C   1 
ATOM   23  O O   . ILE A 1 3  ? 3.697   2.666   2.682   1.00 21.93 ? 170 ILE A O   1 
ATOM   24  C CB  . ILE A 1 3  ? 0.789   2.643   4.063   1.00 21.15 ? 170 ILE A CB  1 
ATOM   25  C CG1 . ILE A 1 3  ? -0.355  1.967   4.834   1.00 22.59 ? 170 ILE A CG1 1 
ATOM   26  C CG2 . ILE A 1 3  ? 0.285   3.645   3.026   1.00 23.32 ? 170 ILE A CG2 1 
ATOM   27  C CD1 . ILE A 1 3  ? -1.180  2.924   5.657   1.00 23.93 ? 170 ILE A CD1 1 
ATOM   28  N N   . TYR A 1 4  ? 2.153   2.167   1.110   1.00 20.59 ? 171 TYR A N   1 
ATOM   29  C CA  . TYR A 1 4  ? 2.774   2.979   0.079   1.00 19.85 ? 171 TYR A CA  1 
ATOM   30  C C   . TYR A 1 4  ? 1.687   3.662   -0.731  1.00 20.87 ? 171 TYR A C   1 
ATOM   31  O O   . TYR A 1 4  ? 0.502   3.314   -0.656  1.00 21.33 ? 171 TYR A O   1 
ATOM   32  C CB  . TYR A 1 4  ? 3.701   2.157   -0.838  1.00 22.14 ? 171 TYR A CB  1 
ATOM   33  C CG  . TYR A 1 4  ? 3.004   1.100   -1.672  1.00 21.37 ? 171 TYR A CG  1 
ATOM   34  C CD1 . TYR A 1 4  ? 2.412   1.411   -2.905  1.00 21.75 ? 171 TYR A CD1 1 
ATOM   35  C CD2 . TYR A 1 4  ? 2.961   -0.219  -1.237  1.00 22.15 ? 171 TYR A CD2 1 
ATOM   36  C CE1 . TYR A 1 4  ? 1.783   0.426   -3.666  1.00 21.69 ? 171 TYR A CE1 1 
ATOM   37  C CE2 . TYR A 1 4  ? 2.344   -1.196  -1.983  1.00 21.85 ? 171 TYR A CE2 1 
ATOM   38  C CZ  . TYR A 1 4  ? 1.757   -0.880  -3.191  1.00 23.03 ? 171 TYR A CZ  1 
ATOM   39  O OH  . TYR A 1 4  ? 1.144   -1.895  -3.905  1.00 24.30 ? 171 TYR A OH  1 
ATOM   40  N N   . TYR A 1 5  ? 2.117   4.659   -1.492  1.00 20.24 ? 172 TYR A N   1 
ATOM   41  C CA  . TYR A 1 5  ? 1.267   5.423   -2.388  1.00 20.86 ? 172 TYR A CA  1 
ATOM   42  C C   . TYR A 1 5  ? 1.604   5.076   -3.833  1.00 22.64 ? 172 TYR A C   1 
ATOM   43  O O   . TYR A 1 5  ? 2.763   4.830   -4.172  1.00 21.60 ? 172 TYR A O   1 
ATOM   44  C CB  . TYR A 1 5  ? 1.465   6.915   -2.185  1.00 20.89 ? 172 TYR A CB  1 
ATOM   45  C CG  . TYR A 1 5  ? 1.018   7.490   -0.856  1.00 23.71 ? 172 TYR A CG  1 
ATOM   46  C CD1 . TYR A 1 5  ? 0.588   6.684   0.198   1.00 21.19 ? 172 TYR A CD1 1 
ATOM   47  C CD2 . TYR A 1 5  ? 1.041   8.858   -0.667  1.00 25.34 ? 172 TYR A CD2 1 
ATOM   48  C CE1 . TYR A 1 5  ? 0.190   7.253   1.413   1.00 24.86 ? 172 TYR A CE1 1 
ATOM   49  C CE2 . TYR A 1 5  ? 0.648   9.424   0.515   1.00 23.71 ? 172 TYR A CE2 1 
ATOM   50  C CZ  . TYR A 1 5  ? 0.231   8.632   1.550   1.00 26.02 ? 172 TYR A CZ  1 
ATOM   51  O OH  . TYR A 1 5  ? -0.137  9.262   2.714   1.00 25.25 ? 172 TYR A OH  1 
ATOM   52  N N   . LYS A 1 6  ? 0.579   5.079   -4.685  1.00 20.89 ? 173 LYS A N   1 
ATOM   53  C CA  . LYS A 1 6  ? 0.721   4.764   -6.101  1.00 19.29 ? 173 LYS A CA  1 
ATOM   54  C C   . LYS A 1 6  ? 0.085   5.883   -6.911  1.00 24.82 ? 173 LYS A C   1 
ATOM   55  O O   . LYS A 1 6  ? -1.111  6.163   -6.750  1.00 25.06 ? 173 LYS A O   1 
ATOM   56  C CB  . LYS A 1 6  ? 0.054   3.428   -6.446  1.00 22.85 ? 173 LYS A CB  1 
ATOM   57  C CG  . LYS A 1 6  ? -0.031  3.164   -7.943  1.00 22.12 ? 173 LYS A CG  1 
ATOM   58  C CD  . LYS A 1 6  ? -0.541  1.771   -8.248  1.00 26.95 ? 173 LYS A CD  1 
ATOM   59  C CE  . LYS A 1 6  ? -0.437  1.456   -9.736  1.00 25.82 ? 173 LYS A CE  1 
ATOM   60  N NZ  . LYS A 1 6  ? -1.112  0.161   -10.052 1.00 27.60 ? 173 LYS A NZ  1 
ATOM   61  N N   . ARG A 1 7  ? 0.877   6.523   -7.774  1.00 24.25 ? 174 ARG A N   1 
ATOM   62  C CA  . ARG A 1 7  ? 0.368   7.552   -8.678  1.00 25.81 ? 174 ARG A CA  1 
ATOM   63  C C   . ARG A 1 7  ? -0.104  6.873   -9.960  1.00 28.98 ? 174 ARG A C   1 
ATOM   64  O O   . ARG A 1 7  ? 0.707   6.349   -10.732 1.00 29.37 ? 174 ARG A O   1 
ATOM   65  C CB  . ARG A 1 7  ? 1.435   8.606   -8.965  1.00 31.06 ? 174 ARG A CB  1 
ATOM   66  C CG  . ARG A 1 7  ? 0.972   9.685   -9.939  1.00 35.06 ? 174 ARG A CG  1 
ATOM   67  C CD  . ARG A 1 7  ? 1.646   11.021  -9.670  1.00 41.95 ? 174 ARG A CD  1 
ATOM   68  N NE  . ARG A 1 7  ? 2.995   11.083  -10.222 1.00 48.20 ? 174 ARG A NE  1 
ATOM   69  C CZ  . ARG A 1 7  ? 3.333   11.789  -11.296 1.00 49.04 ? 174 ARG A CZ  1 
ATOM   70  N NH1 . ARG A 1 7  ? 2.411   12.497  -11.942 1.00 50.65 ? 174 ARG A NH1 1 
ATOM   71  N NH2 . ARG A 1 7  ? 4.591   11.785  -11.725 1.00 44.44 ? 174 ARG A NH2 1 
ATOM   72  N N   . THR A 1 8  ? -1.415  6.886   -10.190 1.00 28.77 ? 175 THR A N   1 
ATOM   73  C CA  . THR A 1 8  ? -2.009  6.098   -11.257 1.00 32.49 ? 175 THR A CA  1 
ATOM   74  C C   . THR A 1 8  ? -1.800  6.771   -12.612 1.00 36.39 ? 175 THR A C   1 
ATOM   75  O O   . THR A 1 8  ? -1.438  7.947   -12.705 1.00 33.08 ? 175 THR A O   1 
ATOM   76  C CB  . THR A 1 8  ? -3.502  5.897   -11.020 1.00 38.37 ? 175 THR A CB  1 
ATOM   77  O OG1 . THR A 1 8  ? -4.149  7.175   -10.965 1.00 37.44 ? 175 THR A OG1 1 
ATOM   78  C CG2 . THR A 1 8  ? -3.728  5.170   -9.715  1.00 33.55 ? 175 THR A CG2 1 
ATOM   79  N N   . LYS A 1 9  ? -2.065  6.002   -13.670 1.00 37.78 ? 176 LYS A N   1 
ATOM   80  C CA  . LYS A 1 9  ? -1.956  6.555   -15.019 1.00 39.84 ? 176 LYS A CA  1 
ATOM   81  C C   . LYS A 1 9  ? -2.941  7.702   -15.218 1.00 45.38 ? 176 LYS A C   1 
ATOM   82  O O   . LYS A 1 9  ? -2.628  8.693   -15.893 1.00 45.02 ? 176 LYS A O   1 
ATOM   83  C CB  . LYS A 1 9  ? -2.174  5.449   -16.055 1.00 42.70 ? 176 LYS A CB  1 
ATOM   84  C CG  . LYS A 1 9  ? -0.978  4.510   -16.230 1.00 46.30 ? 176 LYS A CG  1 
ATOM   85  C CD  . LYS A 1 9  ? -1.287  3.332   -17.169 1.00 51.43 ? 176 LYS A CD  1 
ATOM   86  C CE  . LYS A 1 9  ? -0.872  1.988   -16.566 1.00 51.61 ? 176 LYS A CE  1 
ATOM   87  N NZ  . LYS A 1 9  ? 0.611   1.830   -16.438 1.00 55.01 ? 176 LYS A NZ  1 
ATOM   88  N N   . GLN A 1 10 ? -4.128  7.608   -14.627 1.00 45.70 ? 177 GLN A N   1 
ATOM   89  C CA  . GLN A 1 10 ? -5.119  8.669   -14.747 1.00 43.32 ? 177 GLN A CA  1 
ATOM   90  C C   . GLN A 1 10 ? -4.878  9.824   -13.779 1.00 43.20 ? 177 GLN A C   1 
ATOM   91  O O   . GLN A 1 10 ? -5.679  10.763  -13.756 1.00 44.70 ? 177 GLN A O   1 
ATOM   92  C CB  . GLN A 1 10 ? -6.533  8.107   -14.553 1.00 45.18 ? 177 GLN A CB  1 
ATOM   93  C CG  . GLN A 1 10 ? -6.854  7.675   -13.133 1.00 47.54 ? 177 GLN A CG  1 
ATOM   94  C CD  . GLN A 1 10 ? -6.469  6.239   -12.855 1.00 48.74 ? 177 GLN A CD  1 
ATOM   95  O OE1 . GLN A 1 10 ? -5.665  5.645   -13.579 1.00 47.76 ? 177 GLN A OE1 1 
ATOM   96  N NE2 . GLN A 1 10 ? -7.054  5.664   -11.806 1.00 49.10 ? 177 GLN A NE2 1 
ATOM   97  N N   . GLY A 1 11 ? -3.805  9.781   -12.987 1.00 40.72 ? 178 GLY A N   1 
ATOM   98  C CA  . GLY A 1 11 ? -3.371  10.914  -12.199 1.00 41.61 ? 178 GLY A CA  1 
ATOM   99  C C   . GLY A 1 11 ? -3.673  10.832  -10.714 1.00 43.31 ? 178 GLY A C   1 
ATOM   100 O O   . GLY A 1 11 ? -3.028  11.537  -9.929  1.00 45.94 ? 178 GLY A O   1 
ATOM   101 N N   . SER A 1 12 ? -4.628  10.002  -10.309 1.00 39.53 ? 179 SER A N   1 
ATOM   102 C CA  . SER A 1 12 ? -4.991  9.914   -8.903  1.00 34.73 ? 179 SER A CA  1 
ATOM   103 C C   . SER A 1 12 ? -3.869  9.263   -8.095  1.00 35.34 ? 179 SER A C   1 
ATOM   104 O O   . SER A 1 12 ? -2.968  8.623   -8.639  1.00 31.23 ? 179 SER A O   1 
ATOM   105 C CB  . SER A 1 12 ? -6.284  9.119   -8.740  1.00 40.63 ? 179 SER A CB  1 
ATOM   106 O OG  . SER A 1 12 ? -6.130  7.797   -9.239  1.00 43.16 ? 179 SER A OG  1 
ATOM   107 N N   . THR A 1 13 ? -3.933  9.435   -6.775  1.00 30.70 ? 180 THR A N   1 
ATOM   108 C CA  . THR A 1 13 ? -2.989  8.785   -5.872  1.00 32.12 ? 180 THR A CA  1 
ATOM   109 C C   . THR A 1 13 ? -3.757  7.808   -4.994  1.00 30.92 ? 180 THR A C   1 
ATOM   110 O O   . THR A 1 13 ? -4.697  8.204   -4.295  1.00 29.45 ? 180 THR A O   1 
ATOM   111 C CB  . THR A 1 13 ? -2.227  9.800   -5.020  1.00 32.78 ? 180 THR A CB  1 
ATOM   112 O OG1 . THR A 1 13 ? -1.515  10.699  -5.874  1.00 35.96 ? 180 THR A OG1 1 
ATOM   113 C CG2 . THR A 1 13 ? -1.213  9.078   -4.129  1.00 29.63 ? 180 THR A CG2 1 
ATOM   114 N N   . GLU A 1 14 ? -3.372  6.534   -5.065  1.00 24.92 ? 181 GLU A N   1 
ATOM   115 C CA  . GLU A 1 14 ? -3.963  5.452   -4.286  1.00 27.16 ? 181 GLU A CA  1 
ATOM   116 C C   . GLU A 1 14 ? -3.059  5.094   -3.112  1.00 23.48 ? 181 GLU A C   1 
ATOM   117 O O   . GLU A 1 14 ? -1.834  5.086   -3.244  1.00 23.13 ? 181 GLU A O   1 
ATOM   118 C CB  . GLU A 1 14 ? -4.162  4.211   -5.159  1.00 25.79 ? 181 GLU A CB  1 
ATOM   119 C CG  . GLU A 1 14 ? -5.128  4.379   -6.311  1.00 27.58 ? 181 GLU A CG  1 
ATOM   120 C CD  . GLU A 1 14 ? -5.098  3.183   -7.251  1.00 31.26 ? 181 GLU A CD  1 
ATOM   121 O OE1 . GLU A 1 14 ? -4.104  2.429   -7.214  1.00 26.74 ? 181 GLU A OE1 1 
ATOM   122 O OE2 . GLU A 1 14 ? -6.058  3.001   -8.034  1.00 32.01 ? 181 GLU A OE2 1 
ATOM   123 N N   . GLN A 1 15 ? -3.660  4.766   -1.970  1.00 21.82 ? 182 GLN A N   1 
ATOM   124 C CA  . GLN A 1 15 ? -2.904  4.238   -0.838  1.00 20.44 ? 182 GLN A CA  1 
ATOM   125 C C   . GLN A 1 15 ? -3.079  2.726   -0.776  1.00 22.92 ? 182 GLN A C   1 
ATOM   126 O O   . GLN A 1 15 ? -4.202  2.221   -0.862  1.00 22.37 ? 182 GLN A O   1 
ATOM   127 C CB  . GLN A 1 15 ? -3.342  4.877   0.482   1.00 22.40 ? 182 GLN A CB  1 
ATOM   128 C CG  . GLN A 1 15 ? -3.176  6.393   0.501   1.00 26.19 ? 182 GLN A CG  1 
ATOM   129 C CD  . GLN A 1 15 ? -3.193  6.976   1.910   1.00 23.99 ? 182 GLN A CD  1 
ATOM   130 O OE1 . GLN A 1 15 ? -2.700  6.366   2.862   1.00 25.10 ? 182 GLN A OE1 1 
ATOM   131 N NE2 . GLN A 1 15 ? -3.732  8.177   2.035   1.00 26.07 ? 182 GLN A NE2 1 
ATOM   132 N N   . TRP A 1 16 ? -1.967  2.012   -0.646  1.00 22.08 ? 183 TRP A N   1 
ATOM   133 C CA  . TRP A 1 16 ? -1.966  0.558   -0.605  1.00 21.39 ? 183 TRP A CA  1 
ATOM   134 C C   . TRP A 1 16 ? -1.310  0.090   0.684   1.00 20.58 ? 183 TRP A C   1 
ATOM   135 O O   . TRP A 1 16 ? -0.372  0.719   1.176   1.00 21.50 ? 183 TRP A O   1 
ATOM   136 C CB  . TRP A 1 16 ? -1.221  -0.021  -1.809  1.00 20.47 ? 183 TRP A CB  1 
ATOM   137 C CG  . TRP A 1 16 ? -1.951  0.170   -3.101  1.00 22.56 ? 183 TRP A CG  1 
ATOM   138 C CD1 . TRP A 1 16 ? -2.048  1.324   -3.836  1.00 23.82 ? 183 TRP A CD1 1 
ATOM   139 C CD2 . TRP A 1 16 ? -2.677  -0.826  -3.817  1.00 23.04 ? 183 TRP A CD2 1 
ATOM   140 N NE1 . TRP A 1 16 ? -2.804  1.101   -4.967  1.00 23.77 ? 183 TRP A NE1 1 
ATOM   141 C CE2 . TRP A 1 16 ? -3.203  -0.213  -4.976  1.00 24.34 ? 183 TRP A CE2 1 
ATOM   142 C CE3 . TRP A 1 16 ? -2.947  -2.180  -3.587  1.00 22.07 ? 183 TRP A CE3 1 
ATOM   143 C CZ2 . TRP A 1 16 ? -3.975  -0.912  -5.903  1.00 26.33 ? 183 TRP A CZ2 1 
ATOM   144 C CZ3 . TRP A 1 16 ? -3.708  -2.874  -4.509  1.00 25.50 ? 183 TRP A CZ3 1 
ATOM   145 C CH2 . TRP A 1 16 ? -4.216  -2.238  -5.655  1.00 24.27 ? 183 TRP A CH2 1 
ATOM   146 N N   . PHE A 1 17 ? -1.809  -1.017  1.224   1.00 19.87 ? 184 PHE A N   1 
ATOM   147 C CA  . PHE A 1 17 ? -1.350  -1.568  2.495   1.00 19.57 ? 184 PHE A CA  1 
ATOM   148 C C   . PHE A 1 17 ? -0.781  -2.950  2.241   1.00 19.86 ? 184 PHE A C   1 
ATOM   149 O O   . PHE A 1 17 ? -1.492  -3.826  1.738   1.00 21.16 ? 184 PHE A O   1 
ATOM   150 C CB  . PHE A 1 17 ? -2.520  -1.636  3.485   1.00 20.95 ? 184 PHE A CB  1 
ATOM   151 C CG  . PHE A 1 17 ? -2.176  -2.247  4.822   1.00 23.08 ? 184 PHE A CG  1 
ATOM   152 C CD1 . PHE A 1 17 ? -1.005  -1.917  5.484   1.00 20.30 ? 184 PHE A CD1 1 
ATOM   153 C CD2 . PHE A 1 17 ? -3.058  -3.130  5.431   1.00 21.96 ? 184 PHE A CD2 1 
ATOM   154 C CE1 . PHE A 1 17 ? -0.724  -2.466  6.744   1.00 19.50 ? 184 PHE A CE1 1 
ATOM   155 C CE2 . PHE A 1 17 ? -2.774  -3.691  6.682   1.00 22.62 ? 184 PHE A CE2 1 
ATOM   156 C CZ  . PHE A 1 17 ? -1.601  -3.357  7.332   1.00 21.93 ? 184 PHE A CZ  1 
ATOM   157 N N   . VAL A 1 18 ? 0.487   -3.158  2.596   1.00 18.77 ? 185 VAL A N   1 
ATOM   158 C CA  . VAL A 1 18 ? 1.142   -4.455  2.448   1.00 19.32 ? 185 VAL A CA  1 
ATOM   159 C C   . VAL A 1 18 ? 1.069   -5.185  3.776   1.00 20.32 ? 185 VAL A C   1 
ATOM   160 O O   . VAL A 1 18 ? 1.495   -4.656  4.806   1.00 21.06 ? 185 VAL A O   1 
ATOM   161 C CB  . VAL A 1 18 ? 2.598   -4.302  1.988   1.00 15.95 ? 185 VAL A CB  1 
ATOM   162 C CG1 . VAL A 1 18 ? 3.304   -5.689  1.986   1.00 20.93 ? 185 VAL A CG1 1 
ATOM   163 C CG2 . VAL A 1 18 ? 2.628   -3.646  0.604   1.00 18.70 ? 185 VAL A CG2 1 
ATOM   164 N N   . ILE A 1 19 ? 0.518   -6.391  3.760   1.00 20.46 ? 186 ILE A N   1 
ATOM   165 C CA  . ILE A 1 19 ? 0.402   -7.203  4.965   1.00 23.44 ? 186 ILE A CA  1 
ATOM   166 C C   . ILE A 1 19 ? 0.346   -8.665  4.554   1.00 22.64 ? 186 ILE A C   1 
ATOM   167 O O   . ILE A 1 19 ? -0.306  -9.021  3.569   1.00 21.56 ? 186 ILE A O   1 
ATOM   168 C CB  . ILE A 1 19 ? -0.840  -6.808  5.785   1.00 23.79 ? 186 ILE A CB  1 
ATOM   169 C CG1 . ILE A 1 19 ? -1.056  -7.772  6.959   1.00 26.28 ? 186 ILE A CG1 1 
ATOM   170 C CG2 . ILE A 1 19 ? -2.069  -6.737  4.886   1.00 22.18 ? 186 ILE A CG2 1 
ATOM   171 C CD1 . ILE A 1 19 ? -2.049  -7.255  7.974   1.00 26.27 ? 186 ILE A CD1 1 
ATOM   172 N N   . GLY A 1 20 ? 1.043   -9.509  5.311   1.00 22.93 ? 187 GLY A N   1 
ATOM   173 C CA  . GLY A 1 20 ? 0.988   -10.941 5.068   1.00 24.55 ? 187 GLY A CA  1 
ATOM   174 C C   . GLY A 1 20 ? 1.417   -11.357 3.679   1.00 24.76 ? 187 GLY A C   1 
ATOM   175 O O   . GLY A 1 20 ? 0.918   -12.361 3.161   1.00 25.11 ? 187 GLY A O   1 
ATOM   176 N N   . GLY A 1 21 ? 2.323   -10.605 3.051   1.00 24.76 ? 188 GLY A N   1 
ATOM   177 C CA  . GLY A 1 21 ? 2.719   -10.921 1.692   1.00 23.10 ? 188 GLY A CA  1 
ATOM   178 C C   . GLY A 1 21 ? 1.696   -10.562 0.637   1.00 26.53 ? 188 GLY A C   1 
ATOM   179 O O   . GLY A 1 21 ? 1.824   -11.003 -0.512  1.00 22.98 ? 188 GLY A O   1 
ATOM   180 N N   . LYS A 1 22 ? 0.680   -9.786  1.004   1.00 22.64 ? 189 LYS A N   1 
ATOM   181 C CA  . LYS A 1 22 ? -0.411  -9.369  0.137   1.00 21.59 ? 189 LYS A CA  1 
ATOM   182 C C   . LYS A 1 22 ? -0.432  -7.848  0.058   1.00 21.91 ? 189 LYS A C   1 
ATOM   183 O O   . LYS A 1 22 ? 0.222   -7.161  0.844   1.00 22.24 ? 189 LYS A O   1 
ATOM   184 C CB  . LYS A 1 22 ? -1.760  -9.896  0.658   1.00 23.07 ? 189 LYS A CB  1 
ATOM   185 N N   . ARG A 1 23 ? -1.190  -7.338  -0.919  1.00 18.73 ? 190 ARG A N   1 
ATOM   186 C CA  . ARG A 1 23 ? -1.433  -5.909  -1.121  1.00 20.42 ? 190 ARG A CA  1 
ATOM   187 C C   . ARG A 1 23 ? -2.916  -5.625  -0.975  1.00 21.59 ? 190 ARG A C   1 
ATOM   188 O O   . ARG A 1 23 ? -3.722  -6.307  -1.610  1.00 21.30 ? 190 ARG A O   1 
ATOM   189 C CB  . ARG A 1 23 ? -1.060  -5.458  -2.536  1.00 19.64 ? 190 ARG A CB  1 
ATOM   190 C CG  . ARG A 1 23 ? 0.364   -5.301  -2.910  1.00 34.02 ? 190 ARG A CG  1 
ATOM   191 C CD  . ARG A 1 23 ? 0.402   -4.841  -4.372  1.00 26.60 ? 190 ARG A CD  1 
ATOM   192 N NE  . ARG A 1 23 ? 0.100   -5.900  -5.346  1.00 26.77 ? 190 ARG A NE  1 
ATOM   193 C CZ  . ARG A 1 23 ? -0.738  -5.770  -6.374  1.00 26.71 ? 190 ARG A CZ  1 
ATOM   194 N NH1 . ARG A 1 23 ? -1.387  -4.626  -6.581  1.00 26.95 ? 190 ARG A NH1 1 
ATOM   195 N NH2 . ARG A 1 23 ? -0.925  -6.782  -7.211  1.00 31.90 ? 190 ARG A NH2 1 
ATOM   196 N N   . ILE A 1 24 ? -3.272  -4.569  -0.238  1.00 18.61 ? 191 ILE A N   1 
ATOM   197 C CA  . ILE A 1 24 ? -4.672  -4.161  -0.083  1.00 21.45 ? 191 ILE A CA  1 
ATOM   198 C C   . ILE A 1 24 ? -4.813  -2.700  -0.477  1.00 21.32 ? 191 ILE A C   1 
ATOM   199 O O   . ILE A 1 24 ? -4.165  -1.828  0.113   1.00 21.77 ? 191 ILE A O   1 
ATOM   200 C CB  . ILE A 1 24 ? -5.197  -4.356  1.351   1.00 21.37 ? 191 ILE A CB  1 
ATOM   201 C CG1 . ILE A 1 24 ? -4.971  -5.785  1.837   1.00 21.49 ? 191 ILE A CG1 1 
ATOM   202 C CG2 . ILE A 1 24 ? -6.690  -4.026  1.397   1.00 24.56 ? 191 ILE A CG2 1 
ATOM   203 C CD1 . ILE A 1 24 ? -5.342  -5.993  3.275   1.00 25.39 ? 191 ILE A CD1 1 
ATOM   204 N N   . TYR A 1 25 ? -5.682  -2.426  -1.445  1.00 19.06 ? 192 TYR A N   1 
ATOM   205 C CA  . TYR A 1 25 ? -6.036  -1.049  -1.751  1.00 21.33 ? 192 TYR A CA  1 
ATOM   206 C C   . TYR A 1 25 ? -6.926  -0.493  -0.639  1.00 20.95 ? 192 TYR A C   1 
ATOM   207 O O   . TYR A 1 25 ? -7.916  -1.124  -0.255  1.00 22.61 ? 192 TYR A O   1 
ATOM   208 C CB  . TYR A 1 25 ? -6.754  -0.971  -3.096  1.00 22.52 ? 192 TYR A CB  1 
ATOM   209 C CG  . TYR A 1 25 ? -7.404  0.381   -3.330  1.00 23.50 ? 192 TYR A CG  1 
ATOM   210 C CD1 . TYR A 1 25 ? -6.629  1.517   -3.482  1.00 24.27 ? 192 TYR A CD1 1 
ATOM   211 C CD2 . TYR A 1 25 ? -8.792  0.521   -3.363  1.00 27.89 ? 192 TYR A CD2 1 
ATOM   212 C CE1 . TYR A 1 25 ? -7.206  2.762   -3.689  1.00 26.87 ? 192 TYR A CE1 1 
ATOM   213 C CE2 . TYR A 1 25 ? -9.379  1.764   -3.566  1.00 28.37 ? 192 TYR A CE2 1 
ATOM   214 C CZ  . TYR A 1 25 ? -8.584  2.878   -3.726  1.00 30.01 ? 192 TYR A CZ  1 
ATOM   215 O OH  . TYR A 1 25 ? -9.166  4.119   -3.924  1.00 27.36 ? 192 TYR A OH  1 
ATOM   216 N N   . LEU A 1 26 ? -6.567  0.681   -0.114  1.00 20.79 ? 193 LEU A N   1 
ATOM   217 C CA  . LEU A 1 26 ? -7.285  1.295   0.998   1.00 23.88 ? 193 LEU A CA  1 
ATOM   218 C C   . LEU A 1 26 ? -8.314  2.290   0.472   1.00 25.00 ? 193 LEU A C   1 
ATOM   219 O O   . LEU A 1 26 ? -7.952  3.405   0.079   1.00 24.08 ? 193 LEU A O   1 
ATOM   220 C CB  . LEU A 1 26 ? -6.308  1.983   1.952   1.00 20.73 ? 193 LEU A CB  1 
ATOM   221 C CG  . LEU A 1 26 ? -5.210  1.098   2.565   1.00 22.25 ? 193 LEU A CG  1 
ATOM   222 C CD1 . LEU A 1 26 ? -4.118  1.951   3.204   1.00 22.39 ? 193 LEU A CD1 1 
ATOM   223 C CD2 . LEU A 1 26 ? -5.773  0.084   3.569   1.00 23.46 ? 193 LEU A CD2 1 
ATOM   224 N N   . PRO A 1 27 ? -9.602  1.935   0.454   1.00 26.11 ? 194 PRO A N   1 
ATOM   225 C CA  . PRO A 1 27 ? -10.583 2.783   -0.249  1.00 29.81 ? 194 PRO A CA  1 
ATOM   226 C C   . PRO A 1 27 ? -11.000 4.057   0.481   1.00 29.03 ? 194 PRO A C   1 
ATOM   227 O O   . PRO A 1 27 ? -11.528 4.965   -0.175  1.00 29.72 ? 194 PRO A O   1 
ATOM   228 C CB  . PRO A 1 27 ? -11.786 1.848   -0.435  1.00 32.04 ? 194 PRO A CB  1 
ATOM   229 C CG  . PRO A 1 27 ? -11.646 0.812   0.624   1.00 28.09 ? 194 PRO A CG  1 
ATOM   230 C CD  . PRO A 1 27 ? -10.177 0.652   0.897   1.00 26.80 ? 194 PRO A CD  1 
ATOM   231 N N   . THR A 1 28 ? -10.815 4.157   1.796   1.00 23.67 ? 195 THR A N   1 
ATOM   232 C CA  . THR A 1 28 ? -11.274 5.310   2.558   1.00 27.77 ? 195 THR A CA  1 
ATOM   233 C C   . THR A 1 28 ? -10.223 5.689   3.590   1.00 27.89 ? 195 THR A C   1 
ATOM   234 O O   . THR A 1 28 ? -9.333  4.899   3.917   1.00 22.39 ? 195 THR A O   1 
ATOM   235 C CB  . THR A 1 28 ? -12.596 5.033   3.288   1.00 28.83 ? 195 THR A CB  1 
ATOM   236 O OG1 . THR A 1 28 ? -12.351 4.210   4.443   1.00 20.92 ? 195 THR A OG1 1 
ATOM   237 C CG2 . THR A 1 28 ? -13.590 4.332   2.379   1.00 30.91 ? 195 THR A CG2 1 
ATOM   238 N N   . MET A 1 29 ? -10.363 6.906   4.130   1.00 23.52 ? 196 MET A N   1 
ATOM   239 C CA  . MET A 1 29 ? -9.469  7.348   5.197   1.00 21.95 ? 196 MET A CA  1 
ATOM   240 C C   . MET A 1 29 ? -9.639  6.499   6.455   1.00 23.35 ? 196 MET A C   1 
ATOM   241 O O   . MET A 1 29 ? -8.693  6.349   7.232   1.00 25.52 ? 196 MET A O   1 
ATOM   242 C CB  . MET A 1 29 ? -9.711  8.824   5.512   1.00 27.52 ? 196 MET A CB  1 
ATOM   243 N N   . THR A 1 30 ? -10.825 5.923   6.667   1.00 22.41 ? 197 THR A N   1 
ATOM   244 C CA  . THR A 1 30 ? -10.996 5.044   7.822   1.00 23.04 ? 197 THR A CA  1 
ATOM   245 C C   . THR A 1 30 ? -10.182 3.764   7.650   1.00 24.96 ? 197 THR A C   1 
ATOM   246 O O   . THR A 1 30 ? -9.587  3.267   8.613   1.00 23.80 ? 197 THR A O   1 
ATOM   247 C CB  . THR A 1 30 ? -12.478 4.735   8.040   1.00 25.08 ? 197 THR A CB  1 
ATOM   248 O OG1 . THR A 1 30 ? -13.190 5.960   8.272   1.00 27.97 ? 197 THR A OG1 1 
ATOM   249 C CG2 . THR A 1 30 ? -12.667 3.820   9.262   1.00 24.85 ? 197 THR A CG2 1 
ATOM   250 N N   . TYR A 1 31 ? -10.104 3.235   6.422   1.00 20.53 ? 198 TYR A N   1 
ATOM   251 C CA  . TYR A 1 31 ? -9.236  2.080   6.200   1.00 19.51 ? 198 TYR A CA  1 
ATOM   252 C C   . TYR A 1 31 ? -7.771  2.457   6.385   1.00 22.19 ? 198 TYR A C   1 
ATOM   253 O O   . TYR A 1 31 ? -6.993  1.689   6.961   1.00 22.06 ? 198 TYR A O   1 
ATOM   254 C CB  . TYR A 1 31 ? -9.475  1.486   4.812   1.00 23.50 ? 198 TYR A CB  1 
ATOM   255 C CG  . TYR A 1 31 ? -10.671 0.551   4.715   1.00 24.76 ? 198 TYR A CG  1 
ATOM   256 C CD1 . TYR A 1 31 ? -10.566 -0.786  5.090   1.00 28.50 ? 198 TYR A CD1 1 
ATOM   257 C CD2 . TYR A 1 31 ? -11.899 1.003   4.242   1.00 26.67 ? 198 TYR A CD2 1 
ATOM   258 C CE1 . TYR A 1 31 ? -11.648 -1.644  5.005   1.00 24.97 ? 198 TYR A CE1 1 
ATOM   259 C CE2 . TYR A 1 31 ? -12.989 0.155   4.151   1.00 26.93 ? 198 TYR A CE2 1 
ATOM   260 C CZ  . TYR A 1 31 ? -12.857 -1.166  4.534   1.00 33.41 ? 198 TYR A CZ  1 
ATOM   261 O OH  . TYR A 1 31 ? -13.932 -2.017  4.435   1.00 28.00 ? 198 TYR A OH  1 
ATOM   262 N N   . VAL A 1 32 ? -7.379  3.648   5.920   1.00 19.75 ? 199 VAL A N   1 
ATOM   263 C CA  . VAL A 1 32 ? -6.001  4.100   6.111   1.00 23.17 ? 199 VAL A CA  1 
ATOM   264 C C   . VAL A 1 32 ? -5.660  4.168   7.593   1.00 23.20 ? 199 VAL A C   1 
ATOM   265 O O   . VAL A 1 32 ? -4.609  3.678   8.039   1.00 20.39 ? 199 VAL A O   1 
ATOM   266 C CB  . VAL A 1 32 ? -5.788  5.462   5.424   1.00 21.99 ? 199 VAL A CB  1 
ATOM   267 C CG1 . VAL A 1 32 ? -4.447  6.065   5.837   1.00 22.95 ? 199 VAL A CG1 1 
ATOM   268 C CG2 . VAL A 1 32 ? -5.879  5.316   3.905   1.00 21.48 ? 199 VAL A CG2 1 
ATOM   269 N N   . ASN A 1 33 ? -6.543  4.781   8.384   1.00 22.21 ? 200 ASN A N   1 
ATOM   270 C CA  . ASN A 1 33 ? -6.312  4.897   9.820   1.00 19.88 ? 200 ASN A CA  1 
ATOM   271 C C   . ASN A 1 33 ? -6.154  3.528   10.477  1.00 21.78 ? 200 ASN A C   1 
ATOM   272 O O   . ASN A 1 33 ? -5.242  3.323   11.286  1.00 22.03 ? 200 ASN A O   1 
ATOM   273 C CB  . ASN A 1 33 ? -7.457  5.690   10.468  1.00 22.67 ? 200 ASN A CB  1 
ATOM   274 C CG  . ASN A 1 33 ? -7.446  7.164   10.066  1.00 25.83 ? 200 ASN A CG  1 
ATOM   275 O OD1 . ASN A 1 33 ? -6.445  7.670   9.568   1.00 25.76 ? 200 ASN A OD1 1 
ATOM   276 N ND2 . ASN A 1 33 ? -8.559  7.856   10.305  1.00 27.30 ? 200 ASN A ND2 1 
ATOM   277 N N   . GLU A 1 34 ? -7.018  2.573   10.124  1.00 22.72 ? 201 GLU A N   1 
ATOM   278 C CA  . GLU A 1 34 ? -6.950  1.257   10.756  1.00 22.94 ? 201 GLU A CA  1 
ATOM   279 C C   . GLU A 1 34 ? -5.687  0.509   10.338  1.00 21.66 ? 201 GLU A C   1 
ATOM   280 O O   . GLU A 1 34 ? -5.099  -0.219  11.144  1.00 21.18 ? 201 GLU A O   1 
ATOM   281 C CB  . GLU A 1 34 ? -8.198  0.440   10.412  1.00 22.89 ? 201 GLU A CB  1 
ATOM   282 C CG  . GLU A 1 34 ? -9.514  1.009   10.979  1.00 24.69 ? 201 GLU A CG  1 
ATOM   283 C CD  . GLU A 1 34 ? -9.668  0.762   12.475  1.00 28.90 ? 201 GLU A CD  1 
ATOM   284 O OE1 . GLU A 1 34 ? -9.004  -0.154  13.018  1.00 28.84 ? 201 GLU A OE1 1 
ATOM   285 O OE2 . GLU A 1 34 ? -10.459 1.491   13.111  1.00 30.47 ? 201 GLU A OE2 1 
ATOM   286 N N   . ALA A 1 35 ? -5.255  0.687   9.087   1.00 22.64 ? 202 ALA A N   1 
ATOM   287 C CA  . ALA A 1 35 ? -3.999  0.094   8.636   1.00 23.11 ? 202 ALA A CA  1 
ATOM   288 C C   . ALA A 1 35 ? -2.813  0.661   9.408   1.00 22.54 ? 202 ALA A C   1 
ATOM   289 O O   . ALA A 1 35 ? -1.933  -0.085  9.854   1.00 23.74 ? 202 ALA A O   1 
ATOM   290 C CB  . ALA A 1 35 ? -3.828  0.317   7.135   1.00 20.37 ? 202 ALA A CB  1 
ATOM   291 N N   . ASN A 1 36 ? -2.770  1.985   9.583   1.00 21.85 ? 203 ASN A N   1 
ATOM   292 C CA  . ASN A 1 36 ? -1.708  2.570   10.395  1.00 20.05 ? 203 ASN A CA  1 
ATOM   293 C C   . ASN A 1 36 ? -1.781  2.090   11.840  1.00 23.80 ? 203 ASN A C   1 
ATOM   294 O O   . ASN A 1 36 ? -0.738  1.883   12.483  1.00 24.91 ? 203 ASN A O   1 
ATOM   295 C CB  . ASN A 1 36 ? -1.776  4.095   10.321  1.00 22.29 ? 203 ASN A CB  1 
ATOM   296 C CG  . ASN A 1 36 ? -0.986  4.649   9.167   1.00 24.95 ? 203 ASN A CG  1 
ATOM   297 O OD1 . ASN A 1 36 ? 0.119   4.181   8.874   1.00 25.27 ? 203 ASN A OD1 1 
ATOM   298 N ND2 . ASN A 1 36 ? -1.545  5.656   8.500   1.00 24.34 ? 203 ASN A ND2 1 
ATOM   299 N N   . ASP A 1 37 ? -2.990  1.848   12.356  1.00 22.32 ? 204 ASP A N   1 
ATOM   300 C CA  . ASP A 1 37 ? -3.092  1.244   13.684  1.00 23.63 ? 204 ASP A CA  1 
ATOM   301 C C   . ASP A 1 37 ? -2.442  -0.131  13.709  1.00 25.10 ? 204 ASP A C   1 
ATOM   302 O O   . ASP A 1 37 ? -1.759  -0.482  14.680  1.00 26.64 ? 204 ASP A O   1 
ATOM   303 C CB  . ASP A 1 37 ? -4.558  1.150   14.125  1.00 25.12 ? 204 ASP A CB  1 
ATOM   304 C CG  . ASP A 1 37 ? -5.161  2.508   14.446  1.00 31.55 ? 204 ASP A CG  1 
ATOM   305 O OD1 . ASP A 1 37 ? -4.390  3.470   14.659  1.00 32.81 ? 204 ASP A OD1 1 
ATOM   306 O OD2 . ASP A 1 37 ? -6.409  2.620   14.484  1.00 29.65 ? 204 ASP A OD2 1 
ATOM   307 N N   . LEU A 1 38 ? -2.643  -0.928  12.652  1.00 23.19 ? 205 LEU A N   1 
ATOM   308 C CA  . LEU A 1 38 ? -2.008  -2.243  12.593  1.00 24.22 ? 205 LEU A CA  1 
ATOM   309 C C   . LEU A 1 38 ? -0.495  -2.117  12.569  1.00 25.39 ? 205 LEU A C   1 
ATOM   310 O O   . LEU A 1 38 ? 0.217   -2.869  13.251  1.00 25.53 ? 205 LEU A O   1 
ATOM   311 C CB  . LEU A 1 38 ? -2.486  -3.014  11.363  1.00 23.12 ? 205 LEU A CB  1 
ATOM   312 C CG  . LEU A 1 38 ? -3.928  -3.518  11.391  1.00 24.06 ? 205 LEU A CG  1 
ATOM   313 C CD1 . LEU A 1 38 ? -4.300  -4.147  10.047  1.00 21.54 ? 205 LEU A CD1 1 
ATOM   314 C CD2 . LEU A 1 38 ? -4.126  -4.508  12.538  1.00 25.18 ? 205 LEU A CD2 1 
ATOM   315 N N   . ILE A 1 39 ? 0.012   -1.178  11.772  1.00 24.38 ? 206 ILE A N   1 
ATOM   316 C CA  . ILE A 1 39 ? 1.446   -0.937  11.694  1.00 25.18 ? 206 ILE A CA  1 
ATOM   317 C C   . ILE A 1 39 ? 2.011   -0.603  13.065  1.00 25.64 ? 206 ILE A C   1 
ATOM   318 O O   . ILE A 1 39 ? 3.072   -1.103  13.457  1.00 26.93 ? 206 ILE A O   1 
ATOM   319 C CB  . ILE A 1 39 ? 1.720   0.187   10.682  1.00 22.48 ? 206 ILE A CB  1 
ATOM   320 C CG1 . ILE A 1 39 ? 1.357   -0.297  9.280   1.00 22.44 ? 206 ILE A CG1 1 
ATOM   321 C CG2 . ILE A 1 39 ? 3.173   0.656   10.773  1.00 29.68 ? 206 ILE A CG2 1 
ATOM   322 C CD1 . ILE A 1 39 ? 1.652   0.732   8.194   1.00 18.53 ? 206 ILE A CD1 1 
ATOM   323 N N   . LYS A 1 40 ? 1.311   0.244   13.814  1.00 26.08 ? 207 LYS A N   1 
ATOM   324 C CA  . LYS A 1 40 ? 1.812   0.659   15.120  1.00 30.27 ? 207 LYS A CA  1 
ATOM   325 C C   . LYS A 1 40 ? 1.823   -0.504  16.104  1.00 31.52 ? 207 LYS A C   1 
ATOM   326 O O   . LYS A 1 40 ? 2.745   -0.628  16.923  1.00 31.99 ? 207 LYS A O   1 
ATOM   327 C CB  . LYS A 1 40 ? 0.967   1.821   15.650  1.00 31.94 ? 207 LYS A CB  1 
ATOM   328 C CG  . LYS A 1 40 ? 1.206   2.164   17.115  1.00 38.90 ? 207 LYS A CG  1 
ATOM   329 C CD  . LYS A 1 40 ? 1.994   3.457   17.264  1.00 44.20 ? 207 LYS A CD  1 
ATOM   330 C CE  . LYS A 1 40 ? 2.359   3.721   18.718  1.00 42.32 ? 207 LYS A CE  1 
ATOM   331 N NZ  . LYS A 1 40 ? 3.396   4.777   18.854  1.00 47.15 ? 207 LYS A NZ  1 
ATOM   332 N N   . ARG A 1 41 ? 0.829   -1.387  16.021  1.00 26.38 ? 208 ARG A N   1 
ATOM   333 C CA  . ARG A 1 41 ? 0.724   -2.472  16.996  1.00 29.36 ? 208 ARG A CA  1 
ATOM   334 C C   . ARG A 1 41 ? 1.719   -3.595  16.739  1.00 29.61 ? 208 ARG A C   1 
ATOM   335 O O   . ARG A 1 41 ? 2.220   -4.202  17.690  1.00 26.05 ? 208 ARG A O   1 
ATOM   336 C CB  . ARG A 1 41 ? -0.688  -3.036  16.992  1.00 28.52 ? 208 ARG A CB  1 
ATOM   337 C CG  . ARG A 1 41 ? -1.690  -2.050  17.529  1.00 30.47 ? 208 ARG A CG  1 
ATOM   338 C CD  . ARG A 1 41 ? -2.973  -2.717  17.923  1.00 33.19 ? 208 ARG A CD  1 
ATOM   339 N NE  . ARG A 1 41 ? -3.801  -2.996  16.768  1.00 35.03 ? 208 ARG A NE  1 
ATOM   340 C CZ  . ARG A 1 41 ? -4.811  -2.235  16.360  1.00 26.75 ? 208 ARG A CZ  1 
ATOM   341 N NH1 . ARG A 1 41 ? -5.145  -1.125  17.008  1.00 36.25 ? 208 ARG A NH1 1 
ATOM   342 N NH2 . ARG A 1 41 ? -5.485  -2.585  15.280  1.00 29.33 ? 208 ARG A NH2 1 
ATOM   343 N N   . TYR A 1 42 ? 1.999   -3.905  15.474  1.00 26.49 ? 209 TYR A N   1 
ATOM   344 C CA  . TYR A 1 42 ? 2.711   -5.127  15.118  1.00 26.35 ? 209 TYR A CA  1 
ATOM   345 C C   . TYR A 1 42 ? 4.094   -4.857  14.527  1.00 26.77 ? 209 TYR A C   1 
ATOM   346 O O   . TYR A 1 42 ? 4.623   -5.677  13.773  1.00 30.49 ? 209 TYR A O   1 
ATOM   347 C CB  . TYR A 1 42 ? 1.863   -5.960  14.160  1.00 26.97 ? 209 TYR A CB  1 
ATOM   348 C CG  . TYR A 1 42 ? 0.519   -6.346  14.757  1.00 25.54 ? 209 TYR A CG  1 
ATOM   349 C CD1 . TYR A 1 42 ? 0.449   -7.039  15.962  1.00 24.81 ? 209 TYR A CD1 1 
ATOM   350 C CD2 . TYR A 1 42 ? -0.673  -6.001  14.131  1.00 24.35 ? 209 TYR A CD2 1 
ATOM   351 C CE1 . TYR A 1 42 ? -0.776  -7.391  16.527  1.00 22.09 ? 209 TYR A CE1 1 
ATOM   352 C CE2 . TYR A 1 42 ? -1.899  -6.351  14.680  1.00 20.58 ? 209 TYR A CE2 1 
ATOM   353 C CZ  . TYR A 1 42 ? -1.941  -7.058  15.877  1.00 22.11 ? 209 TYR A CZ  1 
ATOM   354 O OH  . TYR A 1 42 ? -3.167  -7.400  16.432  1.00 21.17 ? 209 TYR A OH  1 
ATOM   355 N N   . GLY A 1 43 ? 4.683   -3.713  14.868  1.00 29.08 ? 210 GLY A N   1 
ATOM   356 C CA  . GLY A 1 43 ? 6.055   -3.420  14.493  1.00 28.73 ? 210 GLY A CA  1 
ATOM   357 C C   . GLY A 1 43 ? 6.271   -3.200  13.015  1.00 29.88 ? 210 GLY A C   1 
ATOM   358 O O   . GLY A 1 43 ? 7.349   -3.516  12.495  1.00 30.52 ? 210 GLY A O   1 
ATOM   359 N N   . GLY A 1 44 ? 5.272   -2.672  12.320  1.00 27.72 ? 211 GLY A N   1 
ATOM   360 C CA  . GLY A 1 44 ? 5.386   -2.432  10.905  1.00 28.33 ? 211 GLY A CA  1 
ATOM   361 C C   . GLY A 1 44 ? 6.281   -1.250  10.615  1.00 29.00 ? 211 GLY A C   1 
ATOM   362 O O   . GLY A 1 44 ? 6.767   -0.548  11.503  1.00 26.23 ? 211 GLY A O   1 
ATOM   363 N N   . ASN A 1 45 ? 6.489   -1.025  9.326   1.00 24.91 ? 212 ASN A N   1 
ATOM   364 C CA  . ASN A 1 45 ? 7.378   0.019   8.856   1.00 24.07 ? 212 ASN A CA  1 
ATOM   365 C C   . ASN A 1 45 ? 6.560   1.271   8.578   1.00 24.04 ? 212 ASN A C   1 
ATOM   366 O O   . ASN A 1 45 ? 5.511   1.204   7.930   1.00 23.13 ? 212 ASN A O   1 
ATOM   367 C CB  . ASN A 1 45 ? 8.111   -0.460  7.605   1.00 22.85 ? 212 ASN A CB  1 
ATOM   368 C CG  . ASN A 1 45 ? 9.369   0.319   7.341   1.00 27.21 ? 212 ASN A CG  1 
ATOM   369 O OD1 . ASN A 1 45 ? 9.339   1.540   7.241   1.00 25.58 ? 212 ASN A OD1 1 
ATOM   370 N ND2 . ASN A 1 45 ? 10.491  -0.380  7.271   1.00 23.97 ? 212 ASN A ND2 1 
ATOM   371 N N   . THR A 1 46 ? 7.018   2.403   9.100   1.00 23.43 ? 213 THR A N   1 
ATOM   372 C CA  . THR A 1 46 ? 6.269   3.642   8.967   1.00 23.96 ? 213 THR A CA  1 
ATOM   373 C C   . THR A 1 46 ? 6.675   4.442   7.730   1.00 25.07 ? 213 THR A C   1 
ATOM   374 O O   . THR A 1 46 ? 6.134   5.528   7.510   1.00 27.14 ? 213 THR A O   1 
ATOM   375 C CB  . THR A 1 46 ? 6.437   4.485   10.230  1.00 25.25 ? 213 THR A CB  1 
ATOM   376 O OG1 . THR A 1 46 ? 5.614   5.654   10.145  1.00 40.23 ? 213 THR A OG1 1 
ATOM   377 C CG2 . THR A 1 46 ? 7.882   4.885   10.401  1.00 24.29 ? 213 THR A CG2 1 
ATOM   378 N N   . ASN A 1 47 ? 7.615   3.923   6.936   1.00 25.01 ? 214 ASN A N   1 
ATOM   379 C CA  . ASN A 1 47 ? 8.012   4.560   5.683   1.00 26.67 ? 214 ASN A CA  1 
ATOM   380 C C   . ASN A 1 47 ? 6.800   4.787   4.794   1.00 23.12 ? 214 ASN A C   1 
ATOM   381 O O   . ASN A 1 47 ? 5.975   3.887   4.619   1.00 22.94 ? 214 ASN A O   1 
ATOM   382 C CB  . ASN A 1 47 ? 9.028   3.678   4.951   1.00 22.09 ? 214 ASN A CB  1 
ATOM   383 C CG  . ASN A 1 47 ? 9.413   4.223   3.580   1.00 24.59 ? 214 ASN A CG  1 
ATOM   384 O OD1 . ASN A 1 47 ? 8.640   4.151   2.613   1.00 23.42 ? 214 ASN A OD1 1 
ATOM   385 N ND2 . ASN A 1 47 ? 10.612  4.775   3.494   1.00 21.45 ? 214 ASN A ND2 1 
ATOM   386 N N   . VAL A 1 48 ? 6.694   5.986   4.223   1.00 20.82 ? 215 VAL A N   1 
ATOM   387 C CA  . VAL A 1 48 ? 5.711   6.264   3.185   1.00 19.50 ? 215 VAL A CA  1 
ATOM   388 C C   . VAL A 1 48 ? 6.474   6.701   1.943   1.00 22.42 ? 215 VAL A C   1 
ATOM   389 O O   . VAL A 1 48 ? 7.236   7.675   1.983   1.00 25.29 ? 215 VAL A O   1 
ATOM   390 C CB  . VAL A 1 48 ? 4.677   7.324   3.615   1.00 19.00 ? 215 VAL A CB  1 
ATOM   391 C CG1 . VAL A 1 48 ? 3.743   7.613   2.468   1.00 21.79 ? 215 VAL A CG1 1 
ATOM   392 C CG2 . VAL A 1 48 ? 3.866   6.806   4.798   1.00 24.79 ? 215 VAL A CG2 1 
ATOM   393 N N   . THR A 1 49 ? 6.288   5.962   0.854   1.00 19.58 ? 216 THR A N   1 
ATOM   394 C CA  . THR A 1 49 ? 6.919   6.253   -0.427  1.00 21.32 ? 216 THR A CA  1 
ATOM   395 C C   . THR A 1 49 ? 5.828   6.300   -1.483  1.00 23.87 ? 216 THR A C   1 
ATOM   396 O O   . THR A 1 49 ? 4.879   5.510   -1.438  1.00 22.12 ? 216 THR A O   1 
ATOM   397 C CB  . THR A 1 49 ? 7.985   5.185   -0.792  1.00 22.76 ? 216 THR A CB  1 
ATOM   398 O OG1 . THR A 1 49 ? 9.032   5.205   0.181   1.00 22.27 ? 216 THR A OG1 1 
ATOM   399 C CG2 . THR A 1 49 ? 8.580   5.452   -2.167  1.00 24.51 ? 216 THR A CG2 1 
ATOM   400 N N   . THR A 1 50 ? 5.952   7.246   -2.410  1.00 21.41 ? 217 THR A N   1 
ATOM   401 C CA  . THR A 1 50 ? 5.024   7.400   -3.521  1.00 20.89 ? 217 THR A CA  1 
ATOM   402 C C   . THR A 1 50 ? 5.680   6.860   -4.787  1.00 22.18 ? 217 THR A C   1 
ATOM   403 O O   . THR A 1 50 ? 6.778   7.294   -5.162  1.00 24.17 ? 217 THR A O   1 
ATOM   404 C CB  . THR A 1 50 ? 4.628   8.868   -3.716  1.00 20.49 ? 217 THR A CB  1 
ATOM   405 O OG1 . THR A 1 50 ? 4.057   9.389   -2.506  1.00 21.34 ? 217 THR A OG1 1 
ATOM   406 C CG2 . THR A 1 50 ? 3.609   9.013   -4.848  1.00 22.02 ? 217 THR A CG2 1 
ATOM   407 N N   . TYR A 1 51 ? 5.001   5.927   -5.443  1.00 20.93 ? 218 TYR A N   1 
ATOM   408 C CA  . TYR A 1 51 ? 5.504   5.268   -6.642  1.00 20.63 ? 218 TYR A CA  1 
ATOM   409 C C   . TYR A 1 51 ? 4.669   5.667   -7.844  1.00 23.39 ? 218 TYR A C   1 
ATOM   410 O O   . TYR A 1 51 ? 3.450   5.468   -7.841  1.00 24.26 ? 218 TYR A O   1 
ATOM   411 C CB  . TYR A 1 51 ? 5.430   3.752   -6.487  1.00 19.88 ? 218 TYR A CB  1 
ATOM   412 C CG  . TYR A 1 51 ? 6.275   3.202   -5.375  1.00 22.26 ? 218 TYR A CG  1 
ATOM   413 C CD1 . TYR A 1 51 ? 7.566   2.752   -5.633  1.00 20.18 ? 218 TYR A CD1 1 
ATOM   414 C CD2 . TYR A 1 51 ? 5.791   3.112   -4.079  1.00 23.44 ? 218 TYR A CD2 1 
ATOM   415 C CE1 . TYR A 1 51 ? 8.344   2.222   -4.622  1.00 22.81 ? 218 TYR A CE1 1 
ATOM   416 C CE2 . TYR A 1 51 ? 6.564   2.588   -3.058  1.00 20.84 ? 218 TYR A CE2 1 
ATOM   417 C CZ  . TYR A 1 51 ? 7.846   2.145   -3.341  1.00 22.69 ? 218 TYR A CZ  1 
ATOM   418 O OH  . TYR A 1 51 ? 8.632   1.628   -2.338  1.00 24.90 ? 218 TYR A OH  1 
ATOM   419 N N   . ASN A 1 52 ? 5.321   6.177   -8.885  1.00 23.65 ? 219 ASN A N   1 
ATOM   420 C CA  . ASN A 1 52 ? 4.647   6.286   -10.172 1.00 25.68 ? 219 ASN A CA  1 
ATOM   421 C C   . ASN A 1 52 ? 4.272   4.900   -10.672 1.00 26.15 ? 219 ASN A C   1 
ATOM   422 O O   . ASN A 1 52 ? 5.000   3.929   -10.460 1.00 23.48 ? 219 ASN A O   1 
ATOM   423 C CB  . ASN A 1 52 ? 5.540   6.974   -11.202 1.00 29.15 ? 219 ASN A CB  1 
ATOM   424 C CG  . ASN A 1 52 ? 5.586   8.458   -11.016 1.00 37.35 ? 219 ASN A CG  1 
ATOM   425 O OD1 . ASN A 1 52 ? 4.553   9.094   -10.800 1.00 43.42 ? 219 ASN A OD1 1 
ATOM   426 N ND2 . ASN A 1 52 ? 6.785   9.028   -11.079 1.00 40.39 ? 219 ASN A ND2 1 
ATOM   427 N N   . HIS A 1 53 ? 3.140   4.829   -11.380 1.00 24.48 ? 220 HIS A N   1 
ATOM   428 C CA  . HIS A 1 53 ? 2.601   3.545   -11.825 1.00 28.42 ? 220 HIS A CA  1 
ATOM   429 C C   . HIS A 1 53 ? 3.620   2.683   -12.574 1.00 26.44 ? 220 HIS A C   1 
ATOM   430 O O   . HIS A 1 53 ? 3.541   1.449   -12.514 1.00 27.62 ? 220 HIS A O   1 
ATOM   431 C CB  . HIS A 1 53 ? 1.379   3.789   -12.708 1.00 28.23 ? 220 HIS A CB  1 
ATOM   432 C CG  . HIS A 1 53 ? 1.697   4.549   -13.962 1.00 33.00 ? 220 HIS A CG  1 
ATOM   433 N ND1 . HIS A 1 53 ? 2.133   3.935   -15.113 1.00 37.21 ? 220 HIS A ND1 1 
ATOM   434 C CD2 . HIS A 1 53 ? 1.658   5.875   -14.229 1.00 35.22 ? 220 HIS A CD2 1 
ATOM   435 C CE1 . HIS A 1 53 ? 2.343   4.851   -16.045 1.00 37.59 ? 220 HIS A CE1 1 
ATOM   436 N NE2 . HIS A 1 53 ? 2.060   6.033   -15.534 1.00 35.63 ? 220 HIS A NE2 1 
ATOM   437 N N   . ASP A 1 54 ? 4.564   3.293   -13.295 1.00 26.59 ? 221 ASP A N   1 
ATOM   438 C CA  . ASP A 1 54 ? 5.526   2.534   -14.098 1.00 27.66 ? 221 ASP A CA  1 
ATOM   439 C C   . ASP A 1 54 ? 6.848   2.257   -13.383 1.00 23.35 ? 221 ASP A C   1 
ATOM   440 O O   . ASP A 1 54 ? 7.753   1.662   -13.982 1.00 27.51 ? 221 ASP A O   1 
ATOM   441 C CB  . ASP A 1 54 ? 5.795   3.250   -15.436 1.00 30.47 ? 221 ASP A CB  1 
ATOM   442 C CG  . ASP A 1 54 ? 6.288   4.678   -15.263 1.00 35.98 ? 221 ASP A CG  1 
ATOM   443 O OD1 . ASP A 1 54 ? 6.222   5.219   -14.145 1.00 35.09 ? 221 ASP A OD1 1 
ATOM   444 O OD2 . ASP A 1 54 ? 6.732   5.281   -16.271 1.00 45.63 ? 221 ASP A OD2 1 
ATOM   445 N N   . ASN A 1 55 ? 6.978   2.637   -12.118 1.00 24.50 ? 222 ASN A N   1 
ATOM   446 C CA  . ASN A 1 55 ? 8.239   2.446   -11.413 1.00 22.34 ? 222 ASN A CA  1 
ATOM   447 C C   . ASN A 1 55 ? 8.546   0.958   -11.226 1.00 22.15 ? 222 ASN A C   1 
ATOM   448 O O   . ASN A 1 55 ? 7.674   0.164   -10.869 1.00 21.43 ? 222 ASN A O   1 
ATOM   449 C CB  . ASN A 1 55 ? 8.193   3.151   -10.064 1.00 23.49 ? 222 ASN A CB  1 
ATOM   450 C CG  . ASN A 1 55 ? 9.395   2.830   -9.209  1.00 24.98 ? 222 ASN A CG  1 
ATOM   451 O OD1 . ASN A 1 55 ? 9.369   1.886   -8.427  1.00 22.32 ? 222 ASN A OD1 1 
ATOM   452 N ND2 . ASN A 1 55 ? 10.457  3.613   -9.354  1.00 25.55 ? 222 ASN A ND2 1 
ATOM   453 N N   . PHE A 1 56 ? 9.802   0.579   -11.474 1.00 22.39 ? 223 PHE A N   1 
ATOM   454 C CA  . PHE A 1 56 ? 10.148  -0.843  -11.434 1.00 22.51 ? 223 PHE A CA  1 
ATOM   455 C C   . PHE A 1 56 ? 10.058  -1.418  -10.031 1.00 23.41 ? 223 PHE A C   1 
ATOM   456 O O   . PHE A 1 56 ? 9.748   -2.607  -9.871  1.00 22.76 ? 223 PHE A O   1 
ATOM   457 C CB  . PHE A 1 56 ? 11.552  -1.069  -11.989 1.00 21.92 ? 223 PHE A CB  1 
ATOM   458 C CG  . PHE A 1 56 ? 11.658  -0.843  -13.465 1.00 27.78 ? 223 PHE A CG  1 
ATOM   459 C CD1 . PHE A 1 56 ? 10.532  -0.558  -14.220 1.00 27.32 ? 223 PHE A CD1 1 
ATOM   460 C CD2 . PHE A 1 56 ? 12.888  -0.926  -14.103 1.00 27.75 ? 223 PHE A CD2 1 
ATOM   461 C CE1 . PHE A 1 56 ? 10.629  -0.352  -15.578 1.00 33.35 ? 223 PHE A CE1 1 
ATOM   462 C CE2 . PHE A 1 56 ? 12.992  -0.724  -15.468 1.00 28.99 ? 223 PHE A CE2 1 
ATOM   463 C CZ  . PHE A 1 56 ? 11.858  -0.438  -16.203 1.00 29.73 ? 223 PHE A CZ  1 
ATOM   464 N N   . GLY A 1 57 ? 10.368  -0.617  -9.010  1.00 22.65 ? 224 GLY A N   1 
ATOM   465 C CA  . GLY A 1 57 ? 10.194  -1.085  -7.641  1.00 20.14 ? 224 GLY A CA  1 
ATOM   466 C C   . GLY A 1 57 ? 8.749   -1.427  -7.335  1.00 22.92 ? 224 GLY A C   1 
ATOM   467 O O   . GLY A 1 57 ? 8.444   -2.502  -6.810  1.00 21.18 ? 224 GLY A O   1 
ATOM   468 N N   . LEU A 1 58 ? 7.831   -0.513  -7.669  1.00 21.81 ? 225 LEU A N   1 
ATOM   469 C CA  . LEU A 1 58 ? 6.401   -0.784  -7.545  1.00 19.78 ? 225 LEU A CA  1 
ATOM   470 C C   . LEU A 1 58 ? 6.007   -2.036  -8.322  1.00 20.38 ? 225 LEU A C   1 
ATOM   471 O O   . LEU A 1 58 ? 5.251   -2.887  -7.828  1.00 19.73 ? 225 LEU A O   1 
ATOM   472 C CB  . LEU A 1 58 ? 5.594   0.420   -8.040  1.00 20.85 ? 225 LEU A CB  1 
ATOM   473 C CG  . LEU A 1 58 ? 4.084   0.194   -8.052  1.00 23.03 ? 225 LEU A CG  1 
ATOM   474 C CD1 . LEU A 1 58 ? 3.590   -0.081  -6.632  1.00 21.80 ? 225 LEU A CD1 1 
ATOM   475 C CD2 . LEU A 1 58 ? 3.334   1.379   -8.657  1.00 22.56 ? 225 LEU A CD2 1 
ATOM   476 N N   . LYS A 1 59 ? 6.499   -2.157  -9.553  1.00 20.53 ? 226 LYS A N   1 
ATOM   477 C CA  . LYS A 1 59 ? 6.138   -3.305  -10.375 1.00 22.05 ? 226 LYS A CA  1 
ATOM   478 C C   . LYS A 1 59 ? 6.568   -4.610  -9.722  1.00 22.94 ? 226 LYS A C   1 
ATOM   479 O O   . LYS A 1 59 ? 5.839   -5.603  -9.774  1.00 23.76 ? 226 LYS A O   1 
ATOM   480 C CB  . LYS A 1 59 ? 6.756   -3.174  -11.766 1.00 25.61 ? 226 LYS A CB  1 
ATOM   481 C CG  . LYS A 1 59 ? 6.152   -2.052  -12.602 1.00 25.26 ? 226 LYS A CG  1 
ATOM   482 C CD  . LYS A 1 59 ? 4.741   -2.388  -13.025 1.00 28.81 ? 226 LYS A CD  1 
ATOM   483 C CE  . LYS A 1 59 ? 4.249   -1.442  -14.115 1.00 37.35 ? 226 LYS A CE  1 
ATOM   484 N NZ  . LYS A 1 59 ? 2.954   -1.924  -14.675 1.00 43.21 ? 226 LYS A NZ  1 
ATOM   485 N N   . MET A 1 60 ? 7.754   -4.637  -9.113  1.00 20.23 ? 227 MET A N   1 
ATOM   486 C CA  . MET A 1 60 ? 8.180   -5.865  -8.453  1.00 20.94 ? 227 MET A CA  1 
ATOM   487 C C   . MET A 1 60 ? 7.311   -6.157  -7.229  1.00 23.10 ? 227 MET A C   1 
ATOM   488 O O   . MET A 1 60 ? 6.971   -7.317  -6.957  1.00 21.79 ? 227 MET A O   1 
ATOM   489 C CB  . MET A 1 60 ? 9.661   -5.766  -8.086  1.00 23.82 ? 227 MET A CB  1 
ATOM   490 C CG  . MET A 1 60 ? 10.572  -5.777  -9.314  1.00 22.13 ? 227 MET A CG  1 
ATOM   491 S SD  . MET A 1 60 ? 12.341  -5.851  -8.933  1.00 25.46 ? 227 MET A SD  1 
ATOM   492 C CE  . MET A 1 60 ? 12.636  -4.164  -8.426  1.00 23.00 ? 227 MET A CE  1 
ATOM   493 N N   . MET A 1 61 ? 6.926   -5.114  -6.490  1.00 22.26 ? 228 MET A N   1 
ATOM   494 C CA  . MET A 1 61 ? 6.027   -5.313  -5.359  1.00 24.48 ? 228 MET A CA  1 
ATOM   495 C C   . MET A 1 61 ? 4.681   -5.863  -5.817  1.00 22.22 ? 228 MET A C   1 
ATOM   496 O O   . MET A 1 61 ? 4.136   -6.787  -5.199  1.00 23.48 ? 228 MET A O   1 
ATOM   497 C CB  . MET A 1 61 ? 5.855   -3.999  -4.595  1.00 23.18 ? 228 MET A CB  1 
ATOM   498 C CG  . MET A 1 61 ? 7.114   -3.534  -3.850  1.00 21.51 ? 228 MET A CG  1 
ATOM   499 S SD  . MET A 1 61 ? 6.690   -2.529  -2.393  1.00 27.22 ? 228 MET A SD  1 
ATOM   500 C CE  . MET A 1 61 ? 6.040   -1.091  -3.220  1.00 23.83 ? 228 MET A CE  1 
ATOM   501 N N   . GLU A 1 62 ? 4.133   -5.325  -6.909  1.00 21.85 ? 229 GLU A N   1 
ATOM   502 C CA  . GLU A 1 62 ? 2.845   -5.817  -7.394  1.00 23.24 ? 229 GLU A CA  1 
ATOM   503 C C   . GLU A 1 62 ? 2.950   -7.247  -7.933  1.00 27.92 ? 229 GLU A C   1 
ATOM   504 O O   . GLU A 1 62 ? 1.987   -8.019  -7.829  1.00 25.04 ? 229 GLU A O   1 
ATOM   505 C CB  . GLU A 1 62 ? 2.293   -4.866  -8.456  1.00 23.88 ? 229 GLU A CB  1 
ATOM   506 C CG  . GLU A 1 62 ? 1.973   -3.455  -7.910  1.00 21.29 ? 229 GLU A CG  1 
ATOM   507 C CD  . GLU A 1 62 ? 1.432   -2.493  -8.974  1.00 28.11 ? 229 GLU A CD  1 
ATOM   508 O OE1 . GLU A 1 62 ? 1.830   -2.594  -10.160 1.00 27.86 ? 229 GLU A OE1 1 
ATOM   509 O OE2 . GLU A 1 62 ? 0.609   -1.624  -8.615  1.00 24.69 ? 229 GLU A OE2 1 
ATOM   510 N N   . ALA A 1 63 ? 4.100   -7.617  -8.505  1.00 24.85 ? 230 ALA A N   1 
ATOM   511 C CA  . ALA A 1 63 ? 4.287   -8.994  -8.963  1.00 24.97 ? 230 ALA A CA  1 
ATOM   512 C C   . ALA A 1 63 ? 4.368   -9.971  -7.794  1.00 24.44 ? 230 ALA A C   1 
ATOM   513 O O   . ALA A 1 63 ? 3.849   -11.090 -7.879  1.00 26.11 ? 230 ALA A O   1 
ATOM   514 C CB  . ALA A 1 63 ? 5.552   -9.110  -9.825  1.00 25.85 ? 230 ALA A CB  1 
ATOM   515 N N   . ALA A 1 64 ? 5.042   -9.586  -6.709  1.00 20.90 ? 231 ALA A N   1 
ATOM   516 C CA  . ALA A 1 64 ? 5.294   -10.522 -5.618  1.00 21.40 ? 231 ALA A CA  1 
ATOM   517 C C   . ALA A 1 64 ? 4.195   -10.547 -4.565  1.00 21.60 ? 231 ALA A C   1 
ATOM   518 O O   . ALA A 1 64 ? 4.100   -11.522 -3.815  1.00 23.03 ? 231 ALA A O   1 
ATOM   519 C CB  . ALA A 1 64 ? 6.624   -10.197 -4.929  1.00 21.63 ? 231 ALA A CB  1 
ATOM   520 N N   . LEU A 1 65 ? 3.371   -9.511  -4.487  1.00 22.54 ? 232 LEU A N   1 
ATOM   521 C CA  . LEU A 1 65 ? 2.373   -9.382  -3.427  1.00 21.14 ? 232 LEU A CA  1 
ATOM   522 C C   . LEU A 1 65 ? 0.985   -9.422  -4.039  1.00 23.68 ? 232 LEU A C   1 
ATOM   523 O O   . LEU A 1 65 ? 0.522   -8.406  -4.595  1.00 24.13 ? 232 LEU A O   1 
ATOM   524 C CB  . LEU A 1 65 ? 2.589   -8.087  -2.654  1.00 19.88 ? 232 LEU A CB  1 
ATOM   525 C CG  . LEU A 1 65 ? 4.011   -7.871  -2.138  1.00 22.41 ? 232 LEU A CG  1 
ATOM   526 C CD1 . LEU A 1 65 ? 4.134   -6.451  -1.611  1.00 21.71 ? 232 LEU A CD1 1 
ATOM   527 C CD2 . LEU A 1 65 ? 4.363   -8.884  -1.063  1.00 24.65 ? 232 LEU A CD2 1 
ATOM   528 N N   . PRO A 1 66 ? 0.298   -10.562 -3.995  1.00 25.36 ? 233 PRO A N   1 
ATOM   529 C CA  . PRO A 1 66 ? -1.050  -10.647 -4.571  1.00 23.69 ? 233 PRO A CA  1 
ATOM   530 C C   . PRO A 1 66 ? -2.013  -9.664  -3.918  1.00 23.72 ? 233 PRO A C   1 
ATOM   531 O O   . PRO A 1 66 ? -1.975  -9.436  -2.710  1.00 23.10 ? 233 PRO A O   1 
ATOM   532 C CB  . PRO A 1 66 ? -1.469  -12.099 -4.302  1.00 28.02 ? 233 PRO A CB  1 
ATOM   533 C CG  . PRO A 1 66 ? -0.408  -12.675 -3.385  1.00 31.00 ? 233 PRO A CG  1 
ATOM   534 C CD  . PRO A 1 66 ? 0.829   -11.884 -3.625  1.00 25.17 ? 233 PRO A CD  1 
ATOM   535 N N   . GLN A 1 67 ? -2.883  -9.081  -4.736  1.00 20.27 ? 234 GLN A N   1 
ATOM   536 C CA  . GLN A 1 67 ? -3.910  -8.186  -4.214  1.00 21.78 ? 234 GLN A CA  1 
ATOM   537 C C   . GLN A 1 67 ? -5.028  -8.999  -3.582  1.00 23.16 ? 234 GLN A C   1 
ATOM   538 O O   . GLN A 1 67 ? -5.443  -10.028 -4.121  1.00 23.07 ? 234 GLN A O   1 
ATOM   539 C CB  . GLN A 1 67 ? -4.484  -7.305  -5.320  1.00 23.70 ? 234 GLN A CB  1 
ATOM   540 C CG  . GLN A 1 67 ? -5.613  -6.411  -4.836  1.00 24.61 ? 234 GLN A CG  1 
ATOM   541 C CD  . GLN A 1 67 ? -6.159  -5.498  -5.919  1.00 27.48 ? 234 GLN A CD  1 
ATOM   542 O OE1 . GLN A 1 67 ? -5.712  -5.531  -7.076  1.00 32.15 ? 234 GLN A OE1 1 
ATOM   543 N NE2 . GLN A 1 67 ? -7.124  -4.674  -5.547  1.00 24.98 ? 234 GLN A NE2 1 
ATOM   544 N N   . VAL A 1 68 ? -5.485  -8.557  -2.413  1.00 22.05 ? 235 VAL A N   1 
ATOM   545 C CA  . VAL A 1 68 ? -6.701  -9.079  -1.804  1.00 23.73 ? 235 VAL A CA  1 
ATOM   546 C C   . VAL A 1 68 ? -7.616  -7.891  -1.521  1.00 28.10 ? 235 VAL A C   1 
ATOM   547 O O   . VAL A 1 68 ? -7.156  -6.756  -1.351  1.00 22.94 ? 235 VAL A O   1 
ATOM   548 C CB  . VAL A 1 68 ? -6.423  -9.903  -0.525  1.00 27.37 ? 235 VAL A CB  1 
ATOM   549 C CG1 . VAL A 1 68 ? -5.435  -11.041 -0.813  1.00 26.33 ? 235 VAL A CG1 1 
ATOM   550 C CG2 . VAL A 1 68 ? -5.914  -9.023  0.594   1.00 25.65 ? 235 VAL A CG2 1 
ATOM   551 N N   . LYS A 1 69 ? -8.922  -8.144  -1.517  1.00 27.48 ? 236 LYS A N   1 
ATOM   552 C CA  . LYS A 1 69 ? -9.917  -7.086  -1.407  1.00 32.59 ? 236 LYS A CA  1 
ATOM   553 C C   . LYS A 1 69 ? -10.587 -7.168  -0.045  1.00 36.49 ? 236 LYS A C   1 
ATOM   554 O O   . LYS A 1 69 ? -10.781 -8.261  0.499   1.00 31.47 ? 236 LYS A O   1 
ATOM   555 C CB  . LYS A 1 69 ? -10.973 -7.187  -2.506  1.00 34.12 ? 236 LYS A CB  1 
ATOM   556 C CG  . LYS A 1 69 ? -10.439 -7.038  -3.916  1.00 35.34 ? 236 LYS A CG  1 
ATOM   557 C CD  . LYS A 1 69 ? -11.103 -5.887  -4.631  1.00 40.34 ? 236 LYS A CD  1 
ATOM   558 C CE  . LYS A 1 69 ? -10.567 -5.720  -6.045  1.00 43.85 ? 236 LYS A CE  1 
ATOM   559 N NZ  . LYS A 1 69 ? -11.085 -6.785  -6.953  1.00 51.83 ? 236 LYS A NZ  1 
ATOM   560 N N   . VAL A 1 70 ? -10.919 -6.013  0.507   1.00 39.69 ? 237 VAL A N   1 
ATOM   561 C CA  . VAL A 1 70 ? -11.494 -5.977  1.836   1.00 43.80 ? 237 VAL A CA  1 
ATOM   562 C C   . VAL A 1 70 ? -12.912 -5.438  1.740   1.00 49.73 ? 237 VAL A C   1 
ATOM   563 O O   . VAL A 1 70 ? -13.633 -5.763  0.793   1.00 50.72 ? 237 VAL A O   1 
ATOM   564 C CB  . VAL A 1 70 ? -10.626 -5.143  2.789   1.00 42.90 ? 237 VAL A CB  1 
ATOM   565 C CG1 . VAL A 1 70 ? -10.678 -3.667  2.406   1.00 40.05 ? 237 VAL A CG1 1 
ATOM   566 C CG2 . VAL A 1 70 ? -11.055 -5.374  4.230   1.00 37.17 ? 237 VAL A CG2 1 
HETATM 567 O O   . HOH B 2 .  ? -7.720  4.691   14.411  1.00 37.35 ? 301 HOH A O   1 
HETATM 568 O O   . HOH B 2 .  ? 1.919   -4.396  -11.943 1.00 35.97 ? 302 HOH A O   1 
HETATM 569 O O   . HOH B 2 .  ? -1.238  7.622   4.543   1.00 28.75 ? 303 HOH A O   1 
HETATM 570 O O   . HOH B 2 .  ? 3.315   -13.045 -1.002  1.00 28.89 ? 304 HOH A O   1 
HETATM 571 O O   . HOH B 2 .  ? -14.406 -4.156  5.794   1.00 34.81 ? 305 HOH A O   1 
HETATM 572 O O   . HOH B 2 .  ? 3.922   6.729   8.522   1.00 31.58 ? 306 HOH A O   1 
HETATM 573 O O   . HOH B 2 .  ? 1.429   -0.556  -11.751 1.00 28.20 ? 307 HOH A O   1 
HETATM 574 O O   . HOH B 2 .  ? -11.494 4.880   -2.978  1.00 36.75 ? 308 HOH A O   1 
HETATM 575 O O   . HOH B 2 .  ? -10.413 1.535   15.755  1.00 37.75 ? 309 HOH A O   1 
HETATM 576 O O   . HOH B 2 .  ? -7.440  -4.523  -2.758  1.00 20.90 ? 310 HOH A O   1 
HETATM 577 O O   . HOH B 2 .  ? -7.925  0.608   15.364  1.00 34.75 ? 311 HOH A O   1 
HETATM 578 O O   . HOH B 2 .  ? -7.364  6.108   -3.730  1.00 40.27 ? 312 HOH A O   1 
HETATM 579 O O   . HOH B 2 .  ? 4.082   2.722   6.146   1.00 21.59 ? 313 HOH A O   1 
HETATM 580 O O   . HOH B 2 .  ? -6.427  5.227   -1.217  1.00 28.33 ? 314 HOH A O   1 
HETATM 581 O O   . HOH B 2 .  ? -6.732  -1.634  13.018  1.00 22.52 ? 315 HOH A O   1 
HETATM 582 O O   . HOH B 2 .  ? 6.143   3.137   1.607   1.00 20.83 ? 316 HOH A O   1 
HETATM 583 O O   . HOH B 2 .  ? -14.771 4.127   5.675   1.00 27.05 ? 317 HOH A O   1 
HETATM 584 O O   . HOH B 2 .  ? -3.525  7.325   9.344   1.00 33.69 ? 318 HOH A O   1 
HETATM 585 O O   . HOH B 2 .  ? -0.534  -1.549  -6.130  1.00 26.16 ? 319 HOH A O   1 
HETATM 586 O O   . HOH B 2 .  ? 4.115   -6.079  -11.857 1.00 32.63 ? 320 HOH A O   1 
HETATM 587 O O   . HOH B 2 .  ? 2.175   4.504   7.081   1.00 25.02 ? 321 HOH A O   1 
HETATM 588 O O   . HOH B 2 .  ? 5.401   -6.176  11.171  1.00 38.01 ? 322 HOH A O   1 
HETATM 589 O O   . HOH B 2 .  ? -3.753  0.539   -9.246  1.00 29.58 ? 323 HOH A O   1 
HETATM 590 O O   . HOH B 2 .  ? 7.180   -0.267  -15.919 1.00 35.58 ? 324 HOH A O   1 
HETATM 591 O O   . HOH B 2 .  ? 8.144   9.710   -5.572  1.00 28.79 ? 325 HOH A O   1 
HETATM 592 O O   . HOH B 2 .  ? -16.222 -6.441  -0.134  1.00 52.95 ? 326 HOH A O   1 
HETATM 593 O O   . HOH B 2 .  ? -0.993  11.966  2.609   1.00 30.36 ? 327 HOH A O   1 
HETATM 594 O O   . HOH B 2 .  ? -9.430  -3.240  -1.393  1.00 25.38 ? 328 HOH A O   1 
HETATM 595 O O   . HOH B 2 .  ? -0.277  -9.666  -8.368  1.00 38.24 ? 329 HOH A O   1 
HETATM 596 O O   . HOH B 2 .  ? 3.151   -12.415 -10.317 1.00 33.82 ? 330 HOH A O   1 
HETATM 597 O O   . HOH B 2 .  ? 11.843  2.375   -12.459 1.00 27.38 ? 331 HOH A O   1 
HETATM 598 O O   . HOH B 2 .  ? -12.322 8.626   2.836   1.00 31.71 ? 332 HOH A O   1 
HETATM 599 O O   . HOH B 2 .  ? -10.752 6.423   11.660  1.00 28.63 ? 333 HOH A O   1 
HETATM 600 O O   . HOH B 2 .  ? -4.133  9.781   4.483   1.00 38.10 ? 334 HOH A O   1 
HETATM 601 O O   . HOH B 2 .  ? 4.086   -8.561  4.268   1.00 33.91 ? 335 HOH A O   1 
HETATM 602 O O   . HOH B 2 .  ? 9.316   2.145   10.964  1.00 31.67 ? 336 HOH A O   1 
HETATM 603 O O   . HOH B 2 .  ? 8.239   6.745   -8.871  1.00 28.11 ? 337 HOH A O   1 
HETATM 604 O O   . HOH B 2 .  ? 0.447   6.592   6.426   1.00 28.14 ? 338 HOH A O   1 
HETATM 605 O O   . HOH B 2 .  ? -1.967  1.106   17.267  1.00 35.09 ? 339 HOH A O   1 
HETATM 606 O O   . HOH B 2 .  ? -2.765  -3.783  -9.173  1.00 38.39 ? 340 HOH A O   1 
HETATM 607 O O   . HOH B 2 .  ? -2.177  3.033   -12.899 1.00 33.34 ? 341 HOH A O   1 
HETATM 608 O O   . HOH B 2 .  ? -2.714  -9.367  -7.854  1.00 32.38 ? 342 HOH A O   1 
HETATM 609 O O   . HOH B 2 .  ? -4.193  -7.902  -8.869  1.00 40.55 ? 343 HOH A O   1 
HETATM 610 O O   . HOH B 2 .  ? -7.899  0.380   -7.089  1.00 44.99 ? 344 HOH A O   1 
HETATM 611 O O   . HOH B 2 .  ? -6.045  3.214   17.757  1.00 44.38 ? 345 HOH A O   1 
HETATM 612 O O   . HOH B 2 .  ? -7.472  -12.686 -4.292  1.00 44.24 ? 346 HOH A O   1 
HETATM 613 O O   . HOH B 2 .  ? -7.948  -1.828  -7.129  1.00 50.18 ? 347 HOH A O   1 
HETATM 614 O O   . HOH B 2 .  ? -2.534  7.724   11.206  1.00 42.50 ? 348 HOH A O   1 
HETATM 615 O O   . HOH B 2 .  ? -2.303  8.796   6.752   1.00 37.20 ? 349 HOH A O   1 
HETATM 616 O O   . HOH B 2 .  ? -8.455  7.453   0.954   1.00 36.89 ? 350 HOH A O   1 
HETATM 617 O O   . HOH B 2 .  ? -7.355  7.230   -1.261  1.00 46.05 ? 351 HOH A O   1 
HETATM 618 O O   . HOH B 2 .  ? 1.865   -10.321 9.794   1.00 39.82 ? 352 HOH A O   1 
HETATM 619 O O   . HOH B 2 .  ? -11.553 -2.464  -3.254  1.00 44.45 ? 353 HOH A O   1 
# 
loop_
_pdbx_poly_seq_scheme.asym_id 
_pdbx_poly_seq_scheme.entity_id 
_pdbx_poly_seq_scheme.seq_id 
_pdbx_poly_seq_scheme.mon_id 
_pdbx_poly_seq_scheme.ndb_seq_num 
_pdbx_poly_seq_scheme.pdb_seq_num 
_pdbx_poly_seq_scheme.auth_seq_num 
_pdbx_poly_seq_scheme.pdb_mon_id 
_pdbx_poly_seq_scheme.auth_mon_id 
_pdbx_poly_seq_scheme.pdb_strand_id 
_pdbx_poly_seq_scheme.pdb_ins_code 
_pdbx_poly_seq_scheme.hetero 
A 1 1  MET 1  168 168 MET MET A . n 
A 1 2  PHE 2  169 169 PHE PHE A . n 
A 1 3  ILE 3  170 170 ILE ILE A . n 
A 1 4  TYR 4  171 171 TYR TYR A . n 
A 1 5  TYR 5  172 172 TYR TYR A . n 
A 1 6  LYS 6  173 173 LYS LYS A . n 
A 1 7  ARG 7  174 174 ARG ARG A . n 
A 1 8  THR 8  175 175 THR THR A . n 
A 1 9  LYS 9  176 176 LYS LYS A . n 
A 1 10 GLN 10 177 177 GLN GLN A . n 
A 1 11 GLY 11 178 178 GLY GLY A . n 
A 1 12 SER 12 179 179 SER SER A . n 
A 1 13 THR 13 180 180 THR THR A . n 
A 1 14 GLU 14 181 181 GLU GLU A . n 
A 1 15 GLN 15 182 182 GLN GLN A . n 
A 1 16 TRP 16 183 183 TRP TRP A . n 
A 1 17 PHE 17 184 184 PHE PHE A . n 
A 1 18 VAL 18 185 185 VAL VAL A . n 
A 1 19 ILE 19 186 186 ILE ILE A . n 
A 1 20 GLY 20 187 187 GLY GLY A . n 
A 1 21 GLY 21 188 188 GLY GLY A . n 
A 1 22 LYS 22 189 189 LYS LYS A . n 
A 1 23 ARG 23 190 190 ARG ARG A . n 
A 1 24 ILE 24 191 191 ILE ILE A . n 
A 1 25 TYR 25 192 192 TYR TYR A . n 
A 1 26 LEU 26 193 193 LEU LEU A . n 
A 1 27 PRO 27 194 194 PRO PRO A . n 
A 1 28 THR 28 195 195 THR THR A . n 
A 1 29 MET 29 196 196 MET MET A . n 
A 1 30 THR 30 197 197 THR THR A . n 
A 1 31 TYR 31 198 198 TYR TYR A . n 
A 1 32 VAL 32 199 199 VAL VAL A . n 
A 1 33 ASN 33 200 200 ASN ASN A . n 
A 1 34 GLU 34 201 201 GLU GLU A . n 
A 1 35 ALA 35 202 202 ALA ALA A . n 
A 1 36 ASN 36 203 203 ASN ASN A . n 
A 1 37 ASP 37 204 204 ASP ASP A . n 
A 1 38 LEU 38 205 205 LEU LEU A . n 
A 1 39 ILE 39 206 206 ILE ILE A . n 
A 1 40 LYS 40 207 207 LYS LYS A . n 
A 1 41 ARG 41 208 208 ARG ARG A . n 
A 1 42 TYR 42 209 209 TYR TYR A . n 
A 1 43 GLY 43 210 210 GLY GLY A . n 
A 1 44 GLY 44 211 211 GLY GLY A . n 
A 1 45 ASN 45 212 212 ASN ASN A . n 
A 1 46 THR 46 213 213 THR THR A . n 
A 1 47 ASN 47 214 214 ASN ASN A . n 
A 1 48 VAL 48 215 215 VAL VAL A . n 
A 1 49 THR 49 216 216 THR THR A . n 
A 1 50 THR 50 217 217 THR THR A . n 
A 1 51 TYR 51 218 218 TYR TYR A . n 
A 1 52 ASN 52 219 219 ASN ASN A . n 
A 1 53 HIS 53 220 220 HIS HIS A . n 
A 1 54 ASP 54 221 221 ASP ASP A . n 
A 1 55 ASN 55 222 222 ASN ASN A . n 
A 1 56 PHE 56 223 223 PHE PHE A . n 
A 1 57 GLY 57 224 224 GLY GLY A . n 
A 1 58 LEU 58 225 225 LEU LEU A . n 
A 1 59 LYS 59 226 226 LYS LYS A . n 
A 1 60 MET 60 227 227 MET MET A . n 
A 1 61 MET 61 228 228 MET MET A . n 
A 1 62 GLU 62 229 229 GLU GLU A . n 
A 1 63 ALA 63 230 230 ALA ALA A . n 
A 1 64 ALA 64 231 231 ALA ALA A . n 
A 1 65 LEU 65 232 232 LEU LEU A . n 
A 1 66 PRO 66 233 233 PRO PRO A . n 
A 1 67 GLN 67 234 234 GLN GLN A . n 
A 1 68 VAL 68 235 235 VAL VAL A . n 
A 1 69 LYS 69 236 236 LYS LYS A . n 
A 1 70 VAL 70 237 237 VAL VAL A . n 
# 
loop_
_pdbx_nonpoly_scheme.asym_id 
_pdbx_nonpoly_scheme.entity_id 
_pdbx_nonpoly_scheme.mon_id 
_pdbx_nonpoly_scheme.ndb_seq_num 
_pdbx_nonpoly_scheme.pdb_seq_num 
_pdbx_nonpoly_scheme.auth_seq_num 
_pdbx_nonpoly_scheme.pdb_mon_id 
_pdbx_nonpoly_scheme.auth_mon_id 
_pdbx_nonpoly_scheme.pdb_strand_id 
_pdbx_nonpoly_scheme.pdb_ins_code 
B 2 HOH 1  301 53 HOH HOH A . 
B 2 HOH 2  302 40 HOH HOH A . 
B 2 HOH 3  303 27 HOH HOH A . 
B 2 HOH 4  304 22 HOH HOH A . 
B 2 HOH 5  305 33 HOH HOH A . 
B 2 HOH 6  306 21 HOH HOH A . 
B 2 HOH 7  307 8  HOH HOH A . 
B 2 HOH 8  308 20 HOH HOH A . 
B 2 HOH 9  309 50 HOH HOH A . 
B 2 HOH 10 310 5  HOH HOH A . 
B 2 HOH 11 311 13 HOH HOH A . 
B 2 HOH 12 312 45 HOH HOH A . 
B 2 HOH 13 313 2  HOH HOH A . 
B 2 HOH 14 314 3  HOH HOH A . 
B 2 HOH 15 315 4  HOH HOH A . 
B 2 HOH 16 316 1  HOH HOH A . 
B 2 HOH 17 317 10 HOH HOH A . 
B 2 HOH 18 318 26 HOH HOH A . 
B 2 HOH 19 319 6  HOH HOH A . 
B 2 HOH 20 320 23 HOH HOH A . 
B 2 HOH 21 321 12 HOH HOH A . 
B 2 HOH 22 322 43 HOH HOH A . 
B 2 HOH 23 323 36 HOH HOH A . 
B 2 HOH 24 324 16 HOH HOH A . 
B 2 HOH 25 325 15 HOH HOH A . 
B 2 HOH 26 326 34 HOH HOH A . 
B 2 HOH 27 327 24 HOH HOH A . 
B 2 HOH 28 328 11 HOH HOH A . 
B 2 HOH 29 329 32 HOH HOH A . 
B 2 HOH 30 330 28 HOH HOH A . 
B 2 HOH 31 331 19 HOH HOH A . 
B 2 HOH 32 332 9  HOH HOH A . 
B 2 HOH 33 333 31 HOH HOH A . 
B 2 HOH 34 334 44 HOH HOH A . 
B 2 HOH 35 335 37 HOH HOH A . 
B 2 HOH 36 336 25 HOH HOH A . 
B 2 HOH 37 337 7  HOH HOH A . 
B 2 HOH 38 338 18 HOH HOH A . 
B 2 HOH 39 339 38 HOH HOH A . 
B 2 HOH 40 340 51 HOH HOH A . 
B 2 HOH 41 341 14 HOH HOH A . 
B 2 HOH 42 342 30 HOH HOH A . 
B 2 HOH 43 343 17 HOH HOH A . 
B 2 HOH 44 344 49 HOH HOH A . 
B 2 HOH 45 345 42 HOH HOH A . 
B 2 HOH 46 346 46 HOH HOH A . 
B 2 HOH 47 347 47 HOH HOH A . 
B 2 HOH 48 348 48 HOH HOH A . 
B 2 HOH 49 349 41 HOH HOH A . 
B 2 HOH 50 350 35 HOH HOH A . 
B 2 HOH 51 351 39 HOH HOH A . 
B 2 HOH 52 352 29 HOH HOH A . 
B 2 HOH 53 353 52 HOH HOH A . 
# 
_pdbx_struct_assembly.id                   1 
_pdbx_struct_assembly.details              author_and_software_defined_assembly 
_pdbx_struct_assembly.method_details       PISA 
_pdbx_struct_assembly.oligomeric_details   tetrameric 
_pdbx_struct_assembly.oligomeric_count     4 
# 
_pdbx_struct_assembly_gen.assembly_id       1 
_pdbx_struct_assembly_gen.oper_expression   1,2,3,4 
_pdbx_struct_assembly_gen.asym_id_list      A,B 
# 
loop_
_pdbx_struct_assembly_prop.biol_id 
_pdbx_struct_assembly_prop.type 
_pdbx_struct_assembly_prop.value 
_pdbx_struct_assembly_prop.details 
1 'ABSA (A^2)' 5280  ? 
1 MORE         -55   ? 
1 'SSA (A^2)'  13390 ? 
# 
loop_
_pdbx_struct_oper_list.id 
_pdbx_struct_oper_list.type 
_pdbx_struct_oper_list.name 
_pdbx_struct_oper_list.symmetry_operation 
_pdbx_struct_oper_list.matrix[1][1] 
_pdbx_struct_oper_list.matrix[1][2] 
_pdbx_struct_oper_list.matrix[1][3] 
_pdbx_struct_oper_list.vector[1] 
_pdbx_struct_oper_list.matrix[2][1] 
_pdbx_struct_oper_list.matrix[2][2] 
_pdbx_struct_oper_list.matrix[2][3] 
_pdbx_struct_oper_list.vector[2] 
_pdbx_struct_oper_list.matrix[3][1] 
_pdbx_struct_oper_list.matrix[3][2] 
_pdbx_struct_oper_list.matrix[3][3] 
_pdbx_struct_oper_list.vector[3] 
1 'identity operation'         1_555 x,y,z   1.0000000000  0.0000000000  0.0000000000  0.0000000000  0.0000000000  1.0000000000  0.0000000000  0.0000000000   0.0000000000  0.0000000000  1.0000000000  0.0000000000  
2 'crystal symmetry operation' 2_555 -x,-y,z -0.3510202638 0.5836770641  0.7321925015  12.6488710481 0.5836770641  -0.4750546186 0.6585166620  -27.3690209848 0.7321925015  0.6585166620  -0.1739251177 10.6062392111 
3 'crystal symmetry operation' 3_555 -y,x,z  0.3244898681  0.9345184222  -0.1462246357 17.8360941611 -0.3508413581 0.2624726907  0.8988984526  -12.6407926616 0.8784171372  -0.2403817906 0.4130374412  -5.7322670292 
4 'crystal symmetry operation' 4_555 y,-x,z  0.3244898681  -0.3508413581 0.8784171372  -5.1872231130 0.9345184222  0.2624726907  -0.2403817906 -14.7282283232 -0.1462246357 0.8988984526  0.4130374412  16.3385062403 
# 
loop_
_pdbx_audit_revision_history.ordinal 
_pdbx_audit_revision_history.data_content_type 
_pdbx_audit_revision_history.major_revision 
_pdbx_audit_revision_history.minor_revision 
_pdbx_audit_revision_history.revision_date 
1 'Structure model' 1 0 2020-02-19 
2 'Structure model' 1 1 2020-04-15 
3 'Structure model' 1 2 2023-11-22 
# 
_pdbx_audit_revision_details.ordinal             1 
_pdbx_audit_revision_details.revision_ordinal    1 
_pdbx_audit_revision_details.data_content_type   'Structure model' 
_pdbx_audit_revision_details.provider            repository 
_pdbx_audit_revision_details.type                'Initial release' 
_pdbx_audit_revision_details.description         ? 
_pdbx_audit_revision_details.details             ? 
# 
loop_
_pdbx_audit_revision_group.ordinal 
_pdbx_audit_revision_group.revision_ordinal 
_pdbx_audit_revision_group.data_content_type 
_pdbx_audit_revision_group.group 
1 2 'Structure model' 'Database references'    
2 3 'Structure model' 'Data collection'        
3 3 'Structure model' 'Database references'    
4 3 'Structure model' 'Refinement description' 
# 
loop_
_pdbx_audit_revision_category.ordinal 
_pdbx_audit_revision_category.revision_ordinal 
_pdbx_audit_revision_category.data_content_type 
_pdbx_audit_revision_category.category 
1 2 'Structure model' citation                      
2 2 'Structure model' citation_author               
3 3 'Structure model' chem_comp_atom                
4 3 'Structure model' chem_comp_bond                
5 3 'Structure model' database_2                    
6 3 'Structure model' pdbx_initial_refinement_model 
# 
loop_
_pdbx_audit_revision_item.ordinal 
_pdbx_audit_revision_item.revision_ordinal 
_pdbx_audit_revision_item.data_content_type 
_pdbx_audit_revision_item.item 
1  2 'Structure model' '_citation.country'                   
2  2 'Structure model' '_citation.journal_abbrev'            
3  2 'Structure model' '_citation.journal_id_CSD'            
4  2 'Structure model' '_citation.journal_id_ISSN'           
5  2 'Structure model' '_citation.journal_volume'            
6  2 'Structure model' '_citation.page_first'                
7  2 'Structure model' '_citation.page_last'                 
8  2 'Structure model' '_citation.pdbx_database_id_DOI'      
9  2 'Structure model' '_citation.pdbx_database_id_PubMed'   
10 2 'Structure model' '_citation.title'                     
11 2 'Structure model' '_citation.year'                      
12 3 'Structure model' '_database_2.pdbx_DOI'                
13 3 'Structure model' '_database_2.pdbx_database_accession' 
# 
loop_
_software.citation_id 
_software.classification 
_software.compiler_name 
_software.compiler_version 
_software.contact_author 
_software.contact_author_email 
_software.date 
_software.description 
_software.dependencies 
_software.hardware 
_software.language 
_software.location 
_software.mods 
_software.name 
_software.os 
_software.os_version 
_software.type 
_software.version 
_software.pdbx_ordinal 
? 'data scaling'    ? ? ? ? ? ? ? ? ? ? ? HKL-2000    ? ? ? .    1 
? refinement        ? ? ? ? ? ? ? ? ? ? ? REFMAC      ? ? ? 5.8  2 
? 'data extraction' ? ? ? ? ? ? ? ? ? ? ? PDB_EXTRACT ? ? ? 3.25 3 
# 
_pdbx_validate_close_contact.id               1 
_pdbx_validate_close_contact.PDB_model_num    1 
_pdbx_validate_close_contact.auth_atom_id_1   O 
_pdbx_validate_close_contact.auth_asym_id_1   A 
_pdbx_validate_close_contact.auth_comp_id_1   HOH 
_pdbx_validate_close_contact.auth_seq_id_1    318 
_pdbx_validate_close_contact.PDB_ins_code_1   ? 
_pdbx_validate_close_contact.label_alt_id_1   ? 
_pdbx_validate_close_contact.auth_atom_id_2   O 
_pdbx_validate_close_contact.auth_asym_id_2   A 
_pdbx_validate_close_contact.auth_comp_id_2   HOH 
_pdbx_validate_close_contact.auth_seq_id_2    348 
_pdbx_validate_close_contact.PDB_ins_code_2   ? 
_pdbx_validate_close_contact.label_alt_id_2   ? 
_pdbx_validate_close_contact.dist             2.15 
# 
_pdbx_validate_symm_contact.id                1 
_pdbx_validate_symm_contact.PDB_model_num     1 
_pdbx_validate_symm_contact.auth_atom_id_1    O 
_pdbx_validate_symm_contact.auth_asym_id_1    A 
_pdbx_validate_symm_contact.auth_comp_id_1    HOH 
_pdbx_validate_symm_contact.auth_seq_id_1     330 
_pdbx_validate_symm_contact.PDB_ins_code_1    ? 
_pdbx_validate_symm_contact.label_alt_id_1    ? 
_pdbx_validate_symm_contact.site_symmetry_1   1_555 
_pdbx_validate_symm_contact.auth_atom_id_2    O 
_pdbx_validate_symm_contact.auth_asym_id_2    A 
_pdbx_validate_symm_contact.auth_comp_id_2    HOH 
_pdbx_validate_symm_contact.auth_seq_id_2     346 
_pdbx_validate_symm_contact.PDB_ins_code_2    ? 
_pdbx_validate_symm_contact.label_alt_id_2    ? 
_pdbx_validate_symm_contact.site_symmetry_2   8_555 
_pdbx_validate_symm_contact.dist              2.15 
# 
loop_
_pdbx_unobs_or_zero_occ_atoms.id 
_pdbx_unobs_or_zero_occ_atoms.PDB_model_num 
_pdbx_unobs_or_zero_occ_atoms.polymer_flag 
_pdbx_unobs_or_zero_occ_atoms.occupancy_flag 
_pdbx_unobs_or_zero_occ_atoms.auth_asym_id 
_pdbx_unobs_or_zero_occ_atoms.auth_comp_id 
_pdbx_unobs_or_zero_occ_atoms.auth_seq_id 
_pdbx_unobs_or_zero_occ_atoms.PDB_ins_code 
_pdbx_unobs_or_zero_occ_atoms.auth_atom_id 
_pdbx_unobs_or_zero_occ_atoms.label_alt_id 
_pdbx_unobs_or_zero_occ_atoms.label_asym_id 
_pdbx_unobs_or_zero_occ_atoms.label_comp_id 
_pdbx_unobs_or_zero_occ_atoms.label_seq_id 
_pdbx_unobs_or_zero_occ_atoms.label_atom_id 
1 1 Y 1 A LYS 189 ? CG ? A LYS 22 CG 
2 1 Y 1 A LYS 189 ? CD ? A LYS 22 CD 
3 1 Y 1 A LYS 189 ? CE ? A LYS 22 CE 
4 1 Y 1 A LYS 189 ? NZ ? A LYS 22 NZ 
5 1 Y 1 A MET 196 ? CG ? A MET 29 CG 
6 1 Y 1 A MET 196 ? SD ? A MET 29 SD 
7 1 Y 1 A MET 196 ? CE ? A MET 29 CE 
# 
loop_
_chem_comp_atom.comp_id 
_chem_comp_atom.atom_id 
_chem_comp_atom.type_symbol 
_chem_comp_atom.pdbx_aromatic_flag 
_chem_comp_atom.pdbx_stereo_config 
_chem_comp_atom.pdbx_ordinal 
ALA N    N N N 1   
ALA CA   C N S 2   
ALA C    C N N 3   
ALA O    O N N 4   
ALA CB   C N N 5   
ALA OXT  O N N 6   
ALA H    H N N 7   
ALA H2   H N N 8   
ALA HA   H N N 9   
ALA HB1  H N N 10  
ALA HB2  H N N 11  
ALA HB3  H N N 12  
ALA HXT  H N N 13  
ARG N    N N N 14  
ARG CA   C N S 15  
ARG C    C N N 16  
ARG O    O N N 17  
ARG CB   C N N 18  
ARG CG   C N N 19  
ARG CD   C N N 20  
ARG NE   N N N 21  
ARG CZ   C N N 22  
ARG NH1  N N N 23  
ARG NH2  N N N 24  
ARG OXT  O N N 25  
ARG H    H N N 26  
ARG H2   H N N 27  
ARG HA   H N N 28  
ARG HB2  H N N 29  
ARG HB3  H N N 30  
ARG HG2  H N N 31  
ARG HG3  H N N 32  
ARG HD2  H N N 33  
ARG HD3  H N N 34  
ARG HE   H N N 35  
ARG HH11 H N N 36  
ARG HH12 H N N 37  
ARG HH21 H N N 38  
ARG HH22 H N N 39  
ARG HXT  H N N 40  
ASN N    N N N 41  
ASN CA   C N S 42  
ASN C    C N N 43  
ASN O    O N N 44  
ASN CB   C N N 45  
ASN CG   C N N 46  
ASN OD1  O N N 47  
ASN ND2  N N N 48  
ASN OXT  O N N 49  
ASN H    H N N 50  
ASN H2   H N N 51  
ASN HA   H N N 52  
ASN HB2  H N N 53  
ASN HB3  H N N 54  
ASN HD21 H N N 55  
ASN HD22 H N N 56  
ASN HXT  H N N 57  
ASP N    N N N 58  
ASP CA   C N S 59  
ASP C    C N N 60  
ASP O    O N N 61  
ASP CB   C N N 62  
ASP CG   C N N 63  
ASP OD1  O N N 64  
ASP OD2  O N N 65  
ASP OXT  O N N 66  
ASP H    H N N 67  
ASP H2   H N N 68  
ASP HA   H N N 69  
ASP HB2  H N N 70  
ASP HB3  H N N 71  
ASP HD2  H N N 72  
ASP HXT  H N N 73  
GLN N    N N N 74  
GLN CA   C N S 75  
GLN C    C N N 76  
GLN O    O N N 77  
GLN CB   C N N 78  
GLN CG   C N N 79  
GLN CD   C N N 80  
GLN OE1  O N N 81  
GLN NE2  N N N 82  
GLN OXT  O N N 83  
GLN H    H N N 84  
GLN H2   H N N 85  
GLN HA   H N N 86  
GLN HB2  H N N 87  
GLN HB3  H N N 88  
GLN HG2  H N N 89  
GLN HG3  H N N 90  
GLN HE21 H N N 91  
GLN HE22 H N N 92  
GLN HXT  H N N 93  
GLU N    N N N 94  
GLU CA   C N S 95  
GLU C    C N N 96  
GLU O    O N N 97  
GLU CB   C N N 98  
GLU CG   C N N 99  
GLU CD   C N N 100 
GLU OE1  O N N 101 
GLU OE2  O N N 102 
GLU OXT  O N N 103 
GLU H    H N N 104 
GLU H2   H N N 105 
GLU HA   H N N 106 
GLU HB2  H N N 107 
GLU HB3  H N N 108 
GLU HG2  H N N 109 
GLU HG3  H N N 110 
GLU HE2  H N N 111 
GLU HXT  H N N 112 
GLY N    N N N 113 
GLY CA   C N N 114 
GLY C    C N N 115 
GLY O    O N N 116 
GLY OXT  O N N 117 
GLY H    H N N 118 
GLY H2   H N N 119 
GLY HA2  H N N 120 
GLY HA3  H N N 121 
GLY HXT  H N N 122 
HIS N    N N N 123 
HIS CA   C N S 124 
HIS C    C N N 125 
HIS O    O N N 126 
HIS CB   C N N 127 
HIS CG   C Y N 128 
HIS ND1  N Y N 129 
HIS CD2  C Y N 130 
HIS CE1  C Y N 131 
HIS NE2  N Y N 132 
HIS OXT  O N N 133 
HIS H    H N N 134 
HIS H2   H N N 135 
HIS HA   H N N 136 
HIS HB2  H N N 137 
HIS HB3  H N N 138 
HIS HD1  H N N 139 
HIS HD2  H N N 140 
HIS HE1  H N N 141 
HIS HE2  H N N 142 
HIS HXT  H N N 143 
HOH O    O N N 144 
HOH H1   H N N 145 
HOH H2   H N N 146 
ILE N    N N N 147 
ILE CA   C N S 148 
ILE C    C N N 149 
ILE O    O N N 150 
ILE CB   C N S 151 
ILE CG1  C N N 152 
ILE CG2  C N N 153 
ILE CD1  C N N 154 
ILE OXT  O N N 155 
ILE H    H N N 156 
ILE H2   H N N 157 
ILE HA   H N N 158 
ILE HB   H N N 159 
ILE HG12 H N N 160 
ILE HG13 H N N 161 
ILE HG21 H N N 162 
ILE HG22 H N N 163 
ILE HG23 H N N 164 
ILE HD11 H N N 165 
ILE HD12 H N N 166 
ILE HD13 H N N 167 
ILE HXT  H N N 168 
LEU N    N N N 169 
LEU CA   C N S 170 
LEU C    C N N 171 
LEU O    O N N 172 
LEU CB   C N N 173 
LEU CG   C N N 174 
LEU CD1  C N N 175 
LEU CD2  C N N 176 
LEU OXT  O N N 177 
LEU H    H N N 178 
LEU H2   H N N 179 
LEU HA   H N N 180 
LEU HB2  H N N 181 
LEU HB3  H N N 182 
LEU HG   H N N 183 
LEU HD11 H N N 184 
LEU HD12 H N N 185 
LEU HD13 H N N 186 
LEU HD21 H N N 187 
LEU HD22 H N N 188 
LEU HD23 H N N 189 
LEU HXT  H N N 190 
LYS N    N N N 191 
LYS CA   C N S 192 
LYS C    C N N 193 
LYS O    O N N 194 
LYS CB   C N N 195 
LYS CG   C N N 196 
LYS CD   C N N 197 
LYS CE   C N N 198 
LYS NZ   N N N 199 
LYS OXT  O N N 200 
LYS H    H N N 201 
LYS H2   H N N 202 
LYS HA   H N N 203 
LYS HB2  H N N 204 
LYS HB3  H N N 205 
LYS HG2  H N N 206 
LYS HG3  H N N 207 
LYS HD2  H N N 208 
LYS HD3  H N N 209 
LYS HE2  H N N 210 
LYS HE3  H N N 211 
LYS HZ1  H N N 212 
LYS HZ2  H N N 213 
LYS HZ3  H N N 214 
LYS HXT  H N N 215 
MET N    N N N 216 
MET CA   C N S 217 
MET C    C N N 218 
MET O    O N N 219 
MET CB   C N N 220 
MET CG   C N N 221 
MET SD   S N N 222 
MET CE   C N N 223 
MET OXT  O N N 224 
MET H    H N N 225 
MET H2   H N N 226 
MET HA   H N N 227 
MET HB2  H N N 228 
MET HB3  H N N 229 
MET HG2  H N N 230 
MET HG3  H N N 231 
MET HE1  H N N 232 
MET HE2  H N N 233 
MET HE3  H N N 234 
MET HXT  H N N 235 
PHE N    N N N 236 
PHE CA   C N S 237 
PHE C    C N N 238 
PHE O    O N N 239 
PHE CB   C N N 240 
PHE CG   C Y N 241 
PHE CD1  C Y N 242 
PHE CD2  C Y N 243 
PHE CE1  C Y N 244 
PHE CE2  C Y N 245 
PHE CZ   C Y N 246 
PHE OXT  O N N 247 
PHE H    H N N 248 
PHE H2   H N N 249 
PHE HA   H N N 250 
PHE HB2  H N N 251 
PHE HB3  H N N 252 
PHE HD1  H N N 253 
PHE HD2  H N N 254 
PHE HE1  H N N 255 
PHE HE2  H N N 256 
PHE HZ   H N N 257 
PHE HXT  H N N 258 
PRO N    N N N 259 
PRO CA   C N S 260 
PRO C    C N N 261 
PRO O    O N N 262 
PRO CB   C N N 263 
PRO CG   C N N 264 
PRO CD   C N N 265 
PRO OXT  O N N 266 
PRO H    H N N 267 
PRO HA   H N N 268 
PRO HB2  H N N 269 
PRO HB3  H N N 270 
PRO HG2  H N N 271 
PRO HG3  H N N 272 
PRO HD2  H N N 273 
PRO HD3  H N N 274 
PRO HXT  H N N 275 
SER N    N N N 276 
SER CA   C N S 277 
SER C    C N N 278 
SER O    O N N 279 
SER CB   C N N 280 
SER OG   O N N 281 
SER OXT  O N N 282 
SER H    H N N 283 
SER H2   H N N 284 
SER HA   H N N 285 
SER HB2  H N N 286 
SER HB3  H N N 287 
SER HG   H N N 288 
SER HXT  H N N 289 
THR N    N N N 290 
THR CA   C N S 291 
THR C    C N N 292 
THR O    O N N 293 
THR CB   C N R 294 
THR OG1  O N N 295 
THR CG2  C N N 296 
THR OXT  O N N 297 
THR H    H N N 298 
THR H2   H N N 299 
THR HA   H N N 300 
THR HB   H N N 301 
THR HG1  H N N 302 
THR HG21 H N N 303 
THR HG22 H N N 304 
THR HG23 H N N 305 
THR HXT  H N N 306 
TRP N    N N N 307 
TRP CA   C N S 308 
TRP C    C N N 309 
TRP O    O N N 310 
TRP CB   C N N 311 
TRP CG   C Y N 312 
TRP CD1  C Y N 313 
TRP CD2  C Y N 314 
TRP NE1  N Y N 315 
TRP CE2  C Y N 316 
TRP CE3  C Y N 317 
TRP CZ2  C Y N 318 
TRP CZ3  C Y N 319 
TRP CH2  C Y N 320 
TRP OXT  O N N 321 
TRP H    H N N 322 
TRP H2   H N N 323 
TRP HA   H N N 324 
TRP HB2  H N N 325 
TRP HB3  H N N 326 
TRP HD1  H N N 327 
TRP HE1  H N N 328 
TRP HE3  H N N 329 
TRP HZ2  H N N 330 
TRP HZ3  H N N 331 
TRP HH2  H N N 332 
TRP HXT  H N N 333 
TYR N    N N N 334 
TYR CA   C N S 335 
TYR C    C N N 336 
TYR O    O N N 337 
TYR CB   C N N 338 
TYR CG   C Y N 339 
TYR CD1  C Y N 340 
TYR CD2  C Y N 341 
TYR CE1  C Y N 342 
TYR CE2  C Y N 343 
TYR CZ   C Y N 344 
TYR OH   O N N 345 
TYR OXT  O N N 346 
TYR H    H N N 347 
TYR H2   H N N 348 
TYR HA   H N N 349 
TYR HB2  H N N 350 
TYR HB3  H N N 351 
TYR HD1  H N N 352 
TYR HD2  H N N 353 
TYR HE1  H N N 354 
TYR HE2  H N N 355 
TYR HH   H N N 356 
TYR HXT  H N N 357 
VAL N    N N N 358 
VAL CA   C N S 359 
VAL C    C N N 360 
VAL O    O N N 361 
VAL CB   C N N 362 
VAL CG1  C N N 363 
VAL CG2  C N N 364 
VAL OXT  O N N 365 
VAL H    H N N 366 
VAL H2   H N N 367 
VAL HA   H N N 368 
VAL HB   H N N 369 
VAL HG11 H N N 370 
VAL HG12 H N N 371 
VAL HG13 H N N 372 
VAL HG21 H N N 373 
VAL HG22 H N N 374 
VAL HG23 H N N 375 
VAL HXT  H N N 376 
# 
loop_
_chem_comp_bond.comp_id 
_chem_comp_bond.atom_id_1 
_chem_comp_bond.atom_id_2 
_chem_comp_bond.value_order 
_chem_comp_bond.pdbx_aromatic_flag 
_chem_comp_bond.pdbx_stereo_config 
_chem_comp_bond.pdbx_ordinal 
ALA N   CA   sing N N 1   
ALA N   H    sing N N 2   
ALA N   H2   sing N N 3   
ALA CA  C    sing N N 4   
ALA CA  CB   sing N N 5   
ALA CA  HA   sing N N 6   
ALA C   O    doub N N 7   
ALA C   OXT  sing N N 8   
ALA CB  HB1  sing N N 9   
ALA CB  HB2  sing N N 10  
ALA CB  HB3  sing N N 11  
ALA OXT HXT  sing N N 12  
ARG N   CA   sing N N 13  
ARG N   H    sing N N 14  
ARG N   H2   sing N N 15  
ARG CA  C    sing N N 16  
ARG CA  CB   sing N N 17  
ARG CA  HA   sing N N 18  
ARG C   O    doub N N 19  
ARG C   OXT  sing N N 20  
ARG CB  CG   sing N N 21  
ARG CB  HB2  sing N N 22  
ARG CB  HB3  sing N N 23  
ARG CG  CD   sing N N 24  
ARG CG  HG2  sing N N 25  
ARG CG  HG3  sing N N 26  
ARG CD  NE   sing N N 27  
ARG CD  HD2  sing N N 28  
ARG CD  HD3  sing N N 29  
ARG NE  CZ   sing N N 30  
ARG NE  HE   sing N N 31  
ARG CZ  NH1  sing N N 32  
ARG CZ  NH2  doub N N 33  
ARG NH1 HH11 sing N N 34  
ARG NH1 HH12 sing N N 35  
ARG NH2 HH21 sing N N 36  
ARG NH2 HH22 sing N N 37  
ARG OXT HXT  sing N N 38  
ASN N   CA   sing N N 39  
ASN N   H    sing N N 40  
ASN N   H2   sing N N 41  
ASN CA  C    sing N N 42  
ASN CA  CB   sing N N 43  
ASN CA  HA   sing N N 44  
ASN C   O    doub N N 45  
ASN C   OXT  sing N N 46  
ASN CB  CG   sing N N 47  
ASN CB  HB2  sing N N 48  
ASN CB  HB3  sing N N 49  
ASN CG  OD1  doub N N 50  
ASN CG  ND2  sing N N 51  
ASN ND2 HD21 sing N N 52  
ASN ND2 HD22 sing N N 53  
ASN OXT HXT  sing N N 54  
ASP N   CA   sing N N 55  
ASP N   H    sing N N 56  
ASP N   H2   sing N N 57  
ASP CA  C    sing N N 58  
ASP CA  CB   sing N N 59  
ASP CA  HA   sing N N 60  
ASP C   O    doub N N 61  
ASP C   OXT  sing N N 62  
ASP CB  CG   sing N N 63  
ASP CB  HB2  sing N N 64  
ASP CB  HB3  sing N N 65  
ASP CG  OD1  doub N N 66  
ASP CG  OD2  sing N N 67  
ASP OD2 HD2  sing N N 68  
ASP OXT HXT  sing N N 69  
GLN N   CA   sing N N 70  
GLN N   H    sing N N 71  
GLN N   H2   sing N N 72  
GLN CA  C    sing N N 73  
GLN CA  CB   sing N N 74  
GLN CA  HA   sing N N 75  
GLN C   O    doub N N 76  
GLN C   OXT  sing N N 77  
GLN CB  CG   sing N N 78  
GLN CB  HB2  sing N N 79  
GLN CB  HB3  sing N N 80  
GLN CG  CD   sing N N 81  
GLN CG  HG2  sing N N 82  
GLN CG  HG3  sing N N 83  
GLN CD  OE1  doub N N 84  
GLN CD  NE2  sing N N 85  
GLN NE2 HE21 sing N N 86  
GLN NE2 HE22 sing N N 87  
GLN OXT HXT  sing N N 88  
GLU N   CA   sing N N 89  
GLU N   H    sing N N 90  
GLU N   H2   sing N N 91  
GLU CA  C    sing N N 92  
GLU CA  CB   sing N N 93  
GLU CA  HA   sing N N 94  
GLU C   O    doub N N 95  
GLU C   OXT  sing N N 96  
GLU CB  CG   sing N N 97  
GLU CB  HB2  sing N N 98  
GLU CB  HB3  sing N N 99  
GLU CG  CD   sing N N 100 
GLU CG  HG2  sing N N 101 
GLU CG  HG3  sing N N 102 
GLU CD  OE1  doub N N 103 
GLU CD  OE2  sing N N 104 
GLU OE2 HE2  sing N N 105 
GLU OXT HXT  sing N N 106 
GLY N   CA   sing N N 107 
GLY N   H    sing N N 108 
GLY N   H2   sing N N 109 
GLY CA  C    sing N N 110 
GLY CA  HA2  sing N N 111 
GLY CA  HA3  sing N N 112 
GLY C   O    doub N N 113 
GLY C   OXT  sing N N 114 
GLY OXT HXT  sing N N 115 
HIS N   CA   sing N N 116 
HIS N   H    sing N N 117 
HIS N   H2   sing N N 118 
HIS CA  C    sing N N 119 
HIS CA  CB   sing N N 120 
HIS CA  HA   sing N N 121 
HIS C   O    doub N N 122 
HIS C   OXT  sing N N 123 
HIS CB  CG   sing N N 124 
HIS CB  HB2  sing N N 125 
HIS CB  HB3  sing N N 126 
HIS CG  ND1  sing Y N 127 
HIS CG  CD2  doub Y N 128 
HIS ND1 CE1  doub Y N 129 
HIS ND1 HD1  sing N N 130 
HIS CD2 NE2  sing Y N 131 
HIS CD2 HD2  sing N N 132 
HIS CE1 NE2  sing Y N 133 
HIS CE1 HE1  sing N N 134 
HIS NE2 HE2  sing N N 135 
HIS OXT HXT  sing N N 136 
HOH O   H1   sing N N 137 
HOH O   H2   sing N N 138 
ILE N   CA   sing N N 139 
ILE N   H    sing N N 140 
ILE N   H2   sing N N 141 
ILE CA  C    sing N N 142 
ILE CA  CB   sing N N 143 
ILE CA  HA   sing N N 144 
ILE C   O    doub N N 145 
ILE C   OXT  sing N N 146 
ILE CB  CG1  sing N N 147 
ILE CB  CG2  sing N N 148 
ILE CB  HB   sing N N 149 
ILE CG1 CD1  sing N N 150 
ILE CG1 HG12 sing N N 151 
ILE CG1 HG13 sing N N 152 
ILE CG2 HG21 sing N N 153 
ILE CG2 HG22 sing N N 154 
ILE CG2 HG23 sing N N 155 
ILE CD1 HD11 sing N N 156 
ILE CD1 HD12 sing N N 157 
ILE CD1 HD13 sing N N 158 
ILE OXT HXT  sing N N 159 
LEU N   CA   sing N N 160 
LEU N   H    sing N N 161 
LEU N   H2   sing N N 162 
LEU CA  C    sing N N 163 
LEU CA  CB   sing N N 164 
LEU CA  HA   sing N N 165 
LEU C   O    doub N N 166 
LEU C   OXT  sing N N 167 
LEU CB  CG   sing N N 168 
LEU CB  HB2  sing N N 169 
LEU CB  HB3  sing N N 170 
LEU CG  CD1  sing N N 171 
LEU CG  CD2  sing N N 172 
LEU CG  HG   sing N N 173 
LEU CD1 HD11 sing N N 174 
LEU CD1 HD12 sing N N 175 
LEU CD1 HD13 sing N N 176 
LEU CD2 HD21 sing N N 177 
LEU CD2 HD22 sing N N 178 
LEU CD2 HD23 sing N N 179 
LEU OXT HXT  sing N N 180 
LYS N   CA   sing N N 181 
LYS N   H    sing N N 182 
LYS N   H2   sing N N 183 
LYS CA  C    sing N N 184 
LYS CA  CB   sing N N 185 
LYS CA  HA   sing N N 186 
LYS C   O    doub N N 187 
LYS C   OXT  sing N N 188 
LYS CB  CG   sing N N 189 
LYS CB  HB2  sing N N 190 
LYS CB  HB3  sing N N 191 
LYS CG  CD   sing N N 192 
LYS CG  HG2  sing N N 193 
LYS CG  HG3  sing N N 194 
LYS CD  CE   sing N N 195 
LYS CD  HD2  sing N N 196 
LYS CD  HD3  sing N N 197 
LYS CE  NZ   sing N N 198 
LYS CE  HE2  sing N N 199 
LYS CE  HE3  sing N N 200 
LYS NZ  HZ1  sing N N 201 
LYS NZ  HZ2  sing N N 202 
LYS NZ  HZ3  sing N N 203 
LYS OXT HXT  sing N N 204 
MET N   CA   sing N N 205 
MET N   H    sing N N 206 
MET N   H2   sing N N 207 
MET CA  C    sing N N 208 
MET CA  CB   sing N N 209 
MET CA  HA   sing N N 210 
MET C   O    doub N N 211 
MET C   OXT  sing N N 212 
MET CB  CG   sing N N 213 
MET CB  HB2  sing N N 214 
MET CB  HB3  sing N N 215 
MET CG  SD   sing N N 216 
MET CG  HG2  sing N N 217 
MET CG  HG3  sing N N 218 
MET SD  CE   sing N N 219 
MET CE  HE1  sing N N 220 
MET CE  HE2  sing N N 221 
MET CE  HE3  sing N N 222 
MET OXT HXT  sing N N 223 
PHE N   CA   sing N N 224 
PHE N   H    sing N N 225 
PHE N   H2   sing N N 226 
PHE CA  C    sing N N 227 
PHE CA  CB   sing N N 228 
PHE CA  HA   sing N N 229 
PHE C   O    doub N N 230 
PHE C   OXT  sing N N 231 
PHE CB  CG   sing N N 232 
PHE CB  HB2  sing N N 233 
PHE CB  HB3  sing N N 234 
PHE CG  CD1  doub Y N 235 
PHE CG  CD2  sing Y N 236 
PHE CD1 CE1  sing Y N 237 
PHE CD1 HD1  sing N N 238 
PHE CD2 CE2  doub Y N 239 
PHE CD2 HD2  sing N N 240 
PHE CE1 CZ   doub Y N 241 
PHE CE1 HE1  sing N N 242 
PHE CE2 CZ   sing Y N 243 
PHE CE2 HE2  sing N N 244 
PHE CZ  HZ   sing N N 245 
PHE OXT HXT  sing N N 246 
PRO N   CA   sing N N 247 
PRO N   CD   sing N N 248 
PRO N   H    sing N N 249 
PRO CA  C    sing N N 250 
PRO CA  CB   sing N N 251 
PRO CA  HA   sing N N 252 
PRO C   O    doub N N 253 
PRO C   OXT  sing N N 254 
PRO CB  CG   sing N N 255 
PRO CB  HB2  sing N N 256 
PRO CB  HB3  sing N N 257 
PRO CG  CD   sing N N 258 
PRO CG  HG2  sing N N 259 
PRO CG  HG3  sing N N 260 
PRO CD  HD2  sing N N 261 
PRO CD  HD3  sing N N 262 
PRO OXT HXT  sing N N 263 
SER N   CA   sing N N 264 
SER N   H    sing N N 265 
SER N   H2   sing N N 266 
SER CA  C    sing N N 267 
SER CA  CB   sing N N 268 
SER CA  HA   sing N N 269 
SER C   O    doub N N 270 
SER C   OXT  sing N N 271 
SER CB  OG   sing N N 272 
SER CB  HB2  sing N N 273 
SER CB  HB3  sing N N 274 
SER OG  HG   sing N N 275 
SER OXT HXT  sing N N 276 
THR N   CA   sing N N 277 
THR N   H    sing N N 278 
THR N   H2   sing N N 279 
THR CA  C    sing N N 280 
THR CA  CB   sing N N 281 
THR CA  HA   sing N N 282 
THR C   O    doub N N 283 
THR C   OXT  sing N N 284 
THR CB  OG1  sing N N 285 
THR CB  CG2  sing N N 286 
THR CB  HB   sing N N 287 
THR OG1 HG1  sing N N 288 
THR CG2 HG21 sing N N 289 
THR CG2 HG22 sing N N 290 
THR CG2 HG23 sing N N 291 
THR OXT HXT  sing N N 292 
TRP N   CA   sing N N 293 
TRP N   H    sing N N 294 
TRP N   H2   sing N N 295 
TRP CA  C    sing N N 296 
TRP CA  CB   sing N N 297 
TRP CA  HA   sing N N 298 
TRP C   O    doub N N 299 
TRP C   OXT  sing N N 300 
TRP CB  CG   sing N N 301 
TRP CB  HB2  sing N N 302 
TRP CB  HB3  sing N N 303 
TRP CG  CD1  doub Y N 304 
TRP CG  CD2  sing Y N 305 
TRP CD1 NE1  sing Y N 306 
TRP CD1 HD1  sing N N 307 
TRP CD2 CE2  doub Y N 308 
TRP CD2 CE3  sing Y N 309 
TRP NE1 CE2  sing Y N 310 
TRP NE1 HE1  sing N N 311 
TRP CE2 CZ2  sing Y N 312 
TRP CE3 CZ3  doub Y N 313 
TRP CE3 HE3  sing N N 314 
TRP CZ2 CH2  doub Y N 315 
TRP CZ2 HZ2  sing N N 316 
TRP CZ3 CH2  sing Y N 317 
TRP CZ3 HZ3  sing N N 318 
TRP CH2 HH2  sing N N 319 
TRP OXT HXT  sing N N 320 
TYR N   CA   sing N N 321 
TYR N   H    sing N N 322 
TYR N   H2   sing N N 323 
TYR CA  C    sing N N 324 
TYR CA  CB   sing N N 325 
TYR CA  HA   sing N N 326 
TYR C   O    doub N N 327 
TYR C   OXT  sing N N 328 
TYR CB  CG   sing N N 329 
TYR CB  HB2  sing N N 330 
TYR CB  HB3  sing N N 331 
TYR CG  CD1  doub Y N 332 
TYR CG  CD2  sing Y N 333 
TYR CD1 CE1  sing Y N 334 
TYR CD1 HD1  sing N N 335 
TYR CD2 CE2  doub Y N 336 
TYR CD2 HD2  sing N N 337 
TYR CE1 CZ   doub Y N 338 
TYR CE1 HE1  sing N N 339 
TYR CE2 CZ   sing Y N 340 
TYR CE2 HE2  sing N N 341 
TYR CZ  OH   sing N N 342 
TYR OH  HH   sing N N 343 
TYR OXT HXT  sing N N 344 
VAL N   CA   sing N N 345 
VAL N   H    sing N N 346 
VAL N   H2   sing N N 347 
VAL CA  C    sing N N 348 
VAL CA  CB   sing N N 349 
VAL CA  HA   sing N N 350 
VAL C   O    doub N N 351 
VAL C   OXT  sing N N 352 
VAL CB  CG1  sing N N 353 
VAL CB  CG2  sing N N 354 
VAL CB  HB   sing N N 355 
VAL CG1 HG11 sing N N 356 
VAL CG1 HG12 sing N N 357 
VAL CG1 HG13 sing N N 358 
VAL CG2 HG21 sing N N 359 
VAL CG2 HG22 sing N N 360 
VAL CG2 HG23 sing N N 361 
VAL OXT HXT  sing N N 362 
# 
loop_
_pdbx_audit_support.funding_organization 
_pdbx_audit_support.country 
_pdbx_audit_support.grant_number 
_pdbx_audit_support.ordinal 
'National Natural Science Foundation of China' China 31800159 1 
'National Natural Science Foundation of China' China 31770948 2 
# 
_pdbx_entity_nonpoly.entity_id   2 
_pdbx_entity_nonpoly.name        water 
_pdbx_entity_nonpoly.comp_id     HOH 
# 
_pdbx_initial_refinement_model.id               1 
_pdbx_initial_refinement_model.entity_id_list   ? 
_pdbx_initial_refinement_model.type             'experimental model' 
_pdbx_initial_refinement_model.source_name      PDB 
_pdbx_initial_refinement_model.accession_code   6IST 
_pdbx_initial_refinement_model.details          ? 
# 
_pdbx_serial_crystallography_sample_delivery.diffrn_id     1 
_pdbx_serial_crystallography_sample_delivery.description   ? 
_pdbx_serial_crystallography_sample_delivery.method        'fixed target' 
# 
_pdbx_struct_assembly_auth_evidence.id                     1 
_pdbx_struct_assembly_auth_evidence.assembly_id            1 
_pdbx_struct_assembly_auth_evidence.experimental_support   'gel filtration' 
_pdbx_struct_assembly_auth_evidence.details                ? 
# 
